data_8P6J
#
_entry.id   8P6J
#
_cell.length_a   31.832
_cell.length_b   51.503
_cell.length_c   80.186
_cell.angle_alpha   87.326
_cell.angle_beta   84.780
_cell.angle_gamma   89.394
#
_symmetry.space_group_name_H-M   'P 1'
#
loop_
_entity.id
_entity.type
_entity.pdbx_description
1 polymer 'Antiphagocytic M protein, type 3'
2 polymer 'collagen II-27 Toolkit peptide (JDM238)'
3 water water
#
loop_
_entity_poly.entity_id
_entity_poly.type
_entity_poly.pdbx_seq_one_letter_code
_entity_poly.pdbx_strand_id
1 'polypeptide(L)'
;GAMDARSVNGEFPRHVKLKNEIENLLDQVTQLYTKHNSNYQQYNAQAGRLDLRQKAEYLKGLNDWAERLLQELNGEDVKK
VLGKVAFEKDDLEKEVKELKEKIDKKEKEYQDC
;
BBB,CCC,FFF,GGG
2 'polypeptide(L)' GP(HYP)GP(HYP)GP(HYP)GV(HYP)GEAGP(HYP)GP(HYP)GP(HYP) AAA,DDD,EEE,HHH,JJJ,III
#
# COMPACT_ATOMS: atom_id res chain seq x y z
N ASP A 4 0.96 42.05 -17.91
CA ASP A 4 1.28 42.54 -16.53
C ASP A 4 0.07 42.26 -15.62
N ALA A 5 -1.10 42.82 -15.95
CA ALA A 5 -2.31 42.81 -15.11
C ALA A 5 -3.14 41.55 -15.35
N ARG A 6 -3.29 41.11 -16.61
CA ARG A 6 -4.15 39.96 -16.97
C ARG A 6 -3.53 38.67 -16.43
N SER A 7 -2.20 38.60 -16.42
CA SER A 7 -1.42 37.38 -16.03
C SER A 7 -0.98 37.47 -14.57
N VAL A 8 -1.26 38.59 -13.89
CA VAL A 8 -0.78 38.89 -12.49
C VAL A 8 0.75 38.74 -12.44
N ASN A 9 1.46 39.36 -13.39
N ASN A 9 1.46 39.36 -13.39
CA ASN A 9 2.95 39.36 -13.51
CA ASN A 9 2.95 39.36 -13.51
C ASN A 9 3.43 37.92 -13.59
C ASN A 9 3.43 37.92 -13.59
N GLY A 10 2.72 37.08 -14.38
CA GLY A 10 3.11 35.69 -14.67
C GLY A 10 2.60 34.69 -13.64
N GLU A 11 2.01 35.14 -12.55
CA GLU A 11 1.66 34.28 -11.38
C GLU A 11 0.33 33.53 -11.60
N PHE A 12 -0.59 34.02 -12.44
CA PHE A 12 -1.82 33.26 -12.82
C PHE A 12 -1.50 32.06 -13.70
N PRO A 13 -0.77 32.20 -14.84
CA PRO A 13 -0.34 31.03 -15.60
C PRO A 13 0.52 30.04 -14.78
N ARG A 14 1.28 30.55 -13.81
CA ARG A 14 2.08 29.72 -12.87
C ARG A 14 1.12 28.87 -12.01
N HIS A 15 0.04 29.49 -11.50
CA HIS A 15 -1.02 28.80 -10.74
C HIS A 15 -1.59 27.64 -11.56
N VAL A 16 -1.92 27.90 -12.83
CA VAL A 16 -2.55 26.93 -13.77
C VAL A 16 -1.56 25.80 -14.05
N LYS A 17 -0.30 26.14 -14.31
CA LYS A 17 0.78 25.13 -14.49
C LYS A 17 0.76 24.16 -13.31
N LEU A 18 0.78 24.69 -12.08
CA LEU A 18 0.89 23.85 -10.84
C LEU A 18 -0.36 22.99 -10.70
N LYS A 19 -1.54 23.55 -10.91
CA LYS A 19 -2.83 22.79 -10.88
C LYS A 19 -2.76 21.64 -11.89
N ASN A 20 -2.26 21.91 -13.10
CA ASN A 20 -2.09 20.93 -14.20
C ASN A 20 -1.16 19.82 -13.72
N GLU A 21 0.03 20.18 -13.20
CA GLU A 21 1.05 19.20 -12.75
C GLU A 21 0.46 18.32 -11.64
N ILE A 22 -0.29 18.92 -10.71
CA ILE A 22 -0.88 18.21 -9.54
C ILE A 22 -1.97 17.26 -10.02
N GLU A 23 -2.85 17.72 -10.91
CA GLU A 23 -3.95 16.93 -11.53
C GLU A 23 -3.36 15.68 -12.18
N ASN A 24 -2.30 15.87 -12.99
CA ASN A 24 -1.70 14.79 -13.82
C ASN A 24 -1.06 13.75 -12.90
N LEU A 25 -0.40 14.20 -11.82
CA LEU A 25 0.22 13.28 -10.84
C LEU A 25 -0.88 12.53 -10.10
N LEU A 26 -1.95 13.22 -9.69
CA LEU A 26 -3.10 12.59 -9.02
C LEU A 26 -3.68 11.50 -9.93
N ASP A 27 -3.80 11.79 -11.23
CA ASP A 27 -4.34 10.83 -12.24
C ASP A 27 -3.43 9.59 -12.25
N GLN A 28 -2.11 9.79 -12.40
CA GLN A 28 -1.10 8.69 -12.48
C GLN A 28 -1.16 7.83 -11.22
N VAL A 29 -1.25 8.44 -10.03
CA VAL A 29 -1.20 7.70 -8.75
C VAL A 29 -2.51 6.94 -8.55
N THR A 30 -3.64 7.54 -8.93
CA THR A 30 -4.97 6.88 -8.87
C THR A 30 -4.95 5.61 -9.74
N GLN A 31 -4.51 5.71 -10.98
CA GLN A 31 -4.46 4.58 -11.94
C GLN A 31 -3.55 3.50 -11.38
N LEU A 32 -2.37 3.88 -10.86
CA LEU A 32 -1.45 2.92 -10.21
C LEU A 32 -2.20 2.16 -9.10
N TYR A 33 -2.92 2.89 -8.24
CA TYR A 33 -3.64 2.33 -7.08
C TYR A 33 -4.66 1.28 -7.55
N THR A 34 -5.45 1.61 -8.57
CA THR A 34 -6.52 0.72 -9.13
C THR A 34 -5.87 -0.50 -9.79
N LYS A 35 -4.79 -0.32 -10.54
CA LYS A 35 -4.11 -1.45 -11.24
C LYS A 35 -3.48 -2.39 -10.19
N HIS A 36 -2.88 -1.84 -9.13
CA HIS A 36 -2.28 -2.64 -8.02
C HIS A 36 -3.34 -3.54 -7.35
N ASN A 37 -4.52 -2.99 -7.07
CA ASN A 37 -5.67 -3.73 -6.45
C ASN A 37 -6.22 -4.78 -7.44
N SER A 38 -6.37 -4.43 -8.72
CA SER A 38 -6.84 -5.38 -9.75
C SER A 38 -5.80 -6.49 -9.94
N ASN A 39 -4.51 -6.18 -9.82
CA ASN A 39 -3.41 -7.16 -9.89
C ASN A 39 -3.59 -8.22 -8.79
N TYR A 40 -4.01 -7.84 -7.59
CA TYR A 40 -4.21 -8.81 -6.46
C TYR A 40 -5.36 -9.77 -6.78
N GLN A 41 -6.42 -9.29 -7.45
CA GLN A 41 -7.55 -10.14 -7.86
C GLN A 41 -7.03 -11.16 -8.89
N GLN A 42 -6.29 -10.69 -9.90
CA GLN A 42 -5.68 -11.57 -10.93
C GLN A 42 -4.86 -12.64 -10.21
N TYR A 43 -4.10 -12.27 -9.18
CA TYR A 43 -3.25 -13.21 -8.40
C TYR A 43 -4.13 -14.25 -7.71
N ASN A 44 -5.18 -13.79 -7.02
CA ASN A 44 -6.16 -14.67 -6.33
C ASN A 44 -6.77 -15.67 -7.31
N ALA A 45 -7.12 -15.21 -8.52
CA ALA A 45 -7.73 -16.04 -9.59
C ALA A 45 -6.71 -17.11 -10.03
N GLN A 46 -5.45 -16.73 -10.25
CA GLN A 46 -4.36 -17.62 -10.71
C GLN A 46 -3.90 -18.57 -9.61
N ALA A 47 -3.89 -18.13 -8.35
CA ALA A 47 -3.25 -18.82 -7.21
C ALA A 47 -3.67 -20.29 -7.17
N GLY A 48 -4.92 -20.58 -7.50
CA GLY A 48 -5.52 -21.93 -7.53
C GLY A 48 -4.66 -22.94 -8.28
N ARG A 49 -4.08 -22.55 -9.42
CA ARG A 49 -3.37 -23.48 -10.34
C ARG A 49 -1.86 -23.44 -10.12
N LEU A 50 -1.37 -22.57 -9.24
CA LEU A 50 0.08 -22.31 -9.05
C LEU A 50 0.56 -22.96 -7.75
N ASP A 51 1.76 -23.55 -7.77
CA ASP A 51 2.46 -24.04 -6.57
C ASP A 51 3.13 -22.84 -5.89
N LEU A 52 3.63 -23.03 -4.67
CA LEU A 52 4.10 -21.92 -3.78
C LEU A 52 5.17 -21.11 -4.52
N ARG A 53 6.14 -21.78 -5.15
CA ARG A 53 7.28 -21.11 -5.84
C ARG A 53 6.71 -20.26 -6.98
N GLN A 54 5.69 -20.75 -7.69
CA GLN A 54 5.06 -20.05 -8.84
C GLN A 54 4.18 -18.90 -8.33
N LYS A 55 3.46 -19.09 -7.23
CA LYS A 55 2.66 -18.02 -6.56
C LYS A 55 3.57 -16.83 -6.21
N ALA A 56 4.72 -17.12 -5.61
CA ALA A 56 5.71 -16.13 -5.14
C ALA A 56 6.32 -15.38 -6.35
N GLU A 57 6.71 -16.12 -7.38
CA GLU A 57 7.28 -15.57 -8.66
C GLU A 57 6.26 -14.61 -9.30
N TYR A 58 4.98 -14.98 -9.38
CA TYR A 58 3.92 -14.14 -10.02
C TYR A 58 3.69 -12.90 -9.14
N LEU A 59 3.47 -13.08 -7.84
CA LEU A 59 3.15 -11.94 -6.93
C LEU A 59 4.35 -11.00 -6.85
N LYS A 60 5.56 -11.53 -6.94
CA LYS A 60 6.82 -10.74 -6.90
C LYS A 60 6.86 -9.80 -8.13
N GLY A 61 6.53 -10.32 -9.31
CA GLY A 61 6.55 -9.53 -10.56
C GLY A 61 5.46 -8.45 -10.55
N LEU A 62 4.33 -8.74 -9.92
CA LEU A 62 3.21 -7.77 -9.78
C LEU A 62 3.64 -6.66 -8.82
N ASN A 63 4.28 -7.03 -7.70
CA ASN A 63 4.83 -6.06 -6.72
C ASN A 63 5.94 -5.25 -7.40
N ASP A 64 6.86 -5.92 -8.10
CA ASP A 64 8.00 -5.31 -8.81
C ASP A 64 7.46 -4.23 -9.75
N TRP A 65 6.36 -4.53 -10.42
CA TRP A 65 5.72 -3.61 -11.40
C TRP A 65 5.22 -2.36 -10.65
N ALA A 66 4.43 -2.55 -9.60
CA ALA A 66 3.84 -1.44 -8.80
C ALA A 66 4.96 -0.54 -8.25
N GLU A 67 5.95 -1.12 -7.58
CA GLU A 67 7.06 -0.41 -6.89
C GLU A 67 7.89 0.38 -7.90
N ARG A 68 8.20 -0.19 -9.07
CA ARG A 68 8.97 0.50 -10.14
C ARG A 68 8.22 1.80 -10.51
N LEU A 69 6.92 1.72 -10.75
CA LEU A 69 6.09 2.90 -11.12
C LEU A 69 5.99 3.88 -9.95
N LEU A 70 5.71 3.38 -8.75
CA LEU A 70 5.55 4.20 -7.53
C LEU A 70 6.83 5.03 -7.34
N GLN A 71 8.00 4.41 -7.45
CA GLN A 71 9.30 5.07 -7.18
C GLN A 71 9.62 6.10 -8.27
N GLU A 72 9.06 5.93 -9.48
CA GLU A 72 9.13 6.96 -10.57
C GLU A 72 8.22 8.14 -10.21
N LEU A 73 7.05 7.88 -9.61
CA LEU A 73 6.07 8.95 -9.28
C LEU A 73 6.50 9.71 -8.03
N ASN A 74 7.01 9.03 -7.00
CA ASN A 74 7.30 9.68 -5.68
C ASN A 74 8.76 10.17 -5.63
N GLY A 75 9.54 9.92 -6.69
CA GLY A 75 10.96 10.35 -6.79
C GLY A 75 11.91 9.56 -5.91
N GLU A 76 11.53 8.36 -5.45
CA GLU A 76 12.45 7.46 -4.69
C GLU A 76 13.50 6.87 -5.64
N ASP A 77 13.14 6.63 -6.91
CA ASP A 77 14.09 6.23 -7.99
C ASP A 77 15.22 7.24 -8.05
N VAL A 78 14.92 8.54 -8.01
CA VAL A 78 15.92 9.64 -8.15
C VAL A 78 16.73 9.78 -6.86
N LYS A 79 16.13 9.50 -5.70
CA LYS A 79 16.84 9.52 -4.40
C LYS A 79 17.92 8.42 -4.40
N LYS A 80 17.61 7.27 -5.00
CA LYS A 80 18.53 6.11 -5.10
C LYS A 80 19.70 6.51 -6.01
N VAL A 81 19.43 7.22 -7.10
CA VAL A 81 20.46 7.74 -8.04
C VAL A 81 21.33 8.76 -7.29
N LEU A 82 20.70 9.76 -6.66
CA LEU A 82 21.39 10.78 -5.82
C LEU A 82 22.38 10.10 -4.85
N GLY A 83 21.97 8.99 -4.23
CA GLY A 83 22.79 8.24 -3.27
C GLY A 83 24.04 7.70 -3.91
N LYS A 84 23.91 7.03 -5.07
CA LYS A 84 25.05 6.45 -5.82
C LYS A 84 26.04 7.56 -6.18
N VAL A 85 25.54 8.71 -6.65
CA VAL A 85 26.36 9.84 -7.16
C VAL A 85 27.05 10.54 -5.98
N ALA A 86 26.34 10.73 -4.87
CA ALA A 86 26.86 11.37 -3.64
C ALA A 86 28.02 10.52 -3.10
N PHE A 87 27.83 9.19 -3.08
CA PHE A 87 28.85 8.20 -2.64
C PHE A 87 30.09 8.31 -3.54
N GLU A 88 29.88 8.37 -4.85
CA GLU A 88 30.99 8.50 -5.83
C GLU A 88 31.70 9.84 -5.61
N LYS A 89 30.98 10.89 -5.24
CA LYS A 89 31.54 12.25 -4.97
C LYS A 89 32.39 12.22 -3.68
N ASP A 90 31.86 11.57 -2.64
CA ASP A 90 32.47 11.50 -1.27
C ASP A 90 33.59 10.46 -1.26
N ASP A 91 33.71 9.61 -2.28
CA ASP A 91 34.85 8.67 -2.49
C ASP A 91 35.97 9.40 -3.24
N LEU A 92 35.65 10.19 -4.26
CA LEU A 92 36.62 11.04 -5.01
C LEU A 92 37.23 12.09 -4.07
N GLU A 93 36.47 12.57 -3.08
CA GLU A 93 36.97 13.55 -2.06
C GLU A 93 37.97 12.84 -1.16
N LYS A 94 37.71 11.57 -0.84
CA LYS A 94 38.61 10.72 -0.01
C LYS A 94 39.88 10.42 -0.80
N GLU A 95 39.79 10.34 -2.14
CA GLU A 95 40.93 10.09 -3.07
C GLU A 95 41.83 11.31 -3.10
N VAL A 96 41.26 12.51 -3.25
CA VAL A 96 42.02 13.79 -3.29
C VAL A 96 42.80 13.96 -1.98
N LYS A 97 42.14 13.75 -0.83
CA LYS A 97 42.73 13.92 0.51
C LYS A 97 43.99 13.05 0.63
N GLU A 98 43.87 11.78 0.23
CA GLU A 98 44.96 10.76 0.25
C GLU A 98 46.11 11.22 -0.67
N LEU A 99 45.81 11.49 -1.95
CA LEU A 99 46.81 11.82 -3.01
C LEU A 99 47.57 13.10 -2.65
N LYS A 100 46.91 14.06 -1.98
CA LYS A 100 47.54 15.34 -1.53
C LYS A 100 48.52 15.01 -0.40
N GLU A 101 48.14 14.09 0.48
CA GLU A 101 48.99 13.59 1.60
C GLU A 101 50.20 12.86 1.03
N LYS A 102 49.98 11.96 0.06
CA LYS A 102 51.02 11.11 -0.58
C LYS A 102 51.95 11.99 -1.43
N ILE A 103 51.43 13.06 -2.05
CA ILE A 103 52.26 13.88 -2.99
C ILE A 103 53.06 14.88 -2.17
N ASP A 104 52.40 15.69 -1.32
CA ASP A 104 53.02 16.93 -0.77
C ASP A 104 54.05 16.54 0.28
N LYS A 105 53.61 15.76 1.26
CA LYS A 105 54.48 15.02 2.21
C LYS A 105 54.95 13.76 1.45
N LYS A 106 56.11 13.21 1.82
CA LYS A 106 56.53 11.83 1.46
C LYS A 106 56.96 11.77 -0.02
N GLU A 107 57.13 12.91 -0.70
CA GLU A 107 57.53 12.94 -2.14
C GLU A 107 57.99 14.36 -2.53
N MET B 3 10.16 -16.19 4.18
CA MET B 3 10.31 -17.36 3.24
C MET B 3 9.17 -18.38 3.46
N ASP B 4 8.01 -17.91 3.94
CA ASP B 4 6.89 -18.72 4.46
C ASP B 4 5.84 -18.98 3.36
N ALA B 5 4.89 -19.87 3.65
CA ALA B 5 3.72 -20.22 2.79
C ALA B 5 2.59 -19.20 2.99
N ARG B 6 2.31 -18.79 4.23
CA ARG B 6 1.19 -17.87 4.57
C ARG B 6 1.49 -16.49 3.98
N SER B 7 2.76 -16.10 3.92
CA SER B 7 3.25 -14.76 3.47
C SER B 7 3.58 -14.77 1.96
N VAL B 8 3.48 -15.91 1.27
CA VAL B 8 3.92 -16.10 -0.14
C VAL B 8 5.38 -15.69 -0.29
N ASN B 9 6.25 -16.17 0.62
CA ASN B 9 7.72 -15.88 0.65
C ASN B 9 7.92 -14.35 0.73
N GLY B 10 7.12 -13.69 1.54
CA GLY B 10 7.23 -12.25 1.88
C GLY B 10 6.48 -11.36 0.91
N GLU B 11 5.92 -11.91 -0.17
CA GLU B 11 5.37 -11.13 -1.30
C GLU B 11 3.95 -10.61 -1.00
N PHE B 12 3.18 -11.27 -0.14
CA PHE B 12 1.83 -10.77 0.27
C PHE B 12 1.96 -9.53 1.16
N PRO B 13 2.73 -9.55 2.27
CA PRO B 13 2.95 -8.34 3.06
C PRO B 13 3.58 -7.19 2.24
N ARG B 14 4.42 -7.54 1.25
CA ARG B 14 5.04 -6.56 0.31
C ARG B 14 3.93 -5.92 -0.51
N HIS B 15 2.96 -6.69 -1.01
CA HIS B 15 1.77 -6.16 -1.75
C HIS B 15 1.04 -5.12 -0.90
N VAL B 16 0.78 -5.45 0.36
CA VAL B 16 0.02 -4.59 1.31
C VAL B 16 0.85 -3.31 1.61
N LYS B 17 2.15 -3.46 1.84
CA LYS B 17 3.09 -2.33 2.01
C LYS B 17 2.94 -1.37 0.81
N LEU B 18 2.98 -1.89 -0.40
CA LEU B 18 2.97 -1.07 -1.65
C LEU B 18 1.61 -0.37 -1.80
N LYS B 19 0.51 -1.07 -1.51
CA LYS B 19 -0.85 -0.46 -1.49
C LYS B 19 -0.84 0.72 -0.50
N ASN B 20 -0.27 0.51 0.68
CA ASN B 20 -0.15 1.55 1.75
C ASN B 20 0.64 2.73 1.22
N GLU B 21 1.82 2.50 0.64
CA GLU B 21 2.73 3.56 0.12
C GLU B 21 2.01 4.35 -0.99
N ILE B 22 1.25 3.66 -1.86
CA ILE B 22 0.53 4.30 -3.00
C ILE B 22 -0.63 5.14 -2.45
N GLU B 23 -1.39 4.59 -1.50
CA GLU B 23 -2.52 5.29 -0.80
C GLU B 23 -1.99 6.58 -0.17
N ASN B 24 -0.86 6.52 0.53
CA ASN B 24 -0.29 7.65 1.30
C ASN B 24 0.15 8.75 0.32
N LEU B 25 0.72 8.38 -0.83
CA LEU B 25 1.12 9.37 -1.87
C LEU B 25 -0.14 9.98 -2.48
N LEU B 26 -1.15 9.16 -2.78
CA LEU B 26 -2.45 9.63 -3.30
C LEU B 26 -3.07 10.63 -2.31
N ASP B 27 -2.98 10.34 -1.01
CA ASP B 27 -3.52 11.20 0.07
C ASP B 27 -2.79 12.55 0.04
N GLN B 28 -1.45 12.54 0.01
CA GLN B 28 -0.59 13.75 0.01
C GLN B 28 -0.89 14.60 -1.23
N VAL B 29 -1.05 13.98 -2.40
CA VAL B 29 -1.28 14.73 -3.68
C VAL B 29 -2.68 15.31 -3.67
N THR B 30 -3.68 14.56 -3.18
CA THR B 30 -5.07 15.03 -3.04
C THR B 30 -5.12 16.28 -2.14
N GLN B 31 -4.49 16.21 -0.96
CA GLN B 31 -4.44 17.34 0.01
C GLN B 31 -3.79 18.56 -0.67
N LEU B 32 -2.67 18.35 -1.36
CA LEU B 32 -1.96 19.43 -2.09
C LEU B 32 -2.94 20.05 -3.08
N TYR B 33 -3.66 19.24 -3.85
CA TYR B 33 -4.61 19.69 -4.90
C TYR B 33 -5.66 20.60 -4.27
N THR B 34 -6.27 20.16 -3.16
CA THR B 34 -7.37 20.88 -2.47
C THR B 34 -6.83 22.17 -1.87
N LYS B 35 -5.65 22.13 -1.25
CA LYS B 35 -5.04 23.34 -0.62
C LYS B 35 -4.69 24.38 -1.71
N HIS B 36 -4.15 23.94 -2.84
CA HIS B 36 -3.79 24.82 -4.00
C HIS B 36 -5.04 25.56 -4.50
N ASN B 37 -6.17 24.86 -4.66
CA ASN B 37 -7.46 25.44 -5.15
C ASN B 37 -8.05 26.35 -4.08
N SER B 38 -8.00 25.98 -2.80
CA SER B 38 -8.52 26.83 -1.69
C SER B 38 -7.64 28.08 -1.58
N ASN B 39 -6.33 27.95 -1.83
CA ASN B 39 -5.38 29.10 -1.83
C ASN B 39 -5.83 30.13 -2.87
N TYR B 40 -6.29 29.70 -4.04
CA TYR B 40 -6.71 30.61 -5.13
C TYR B 40 -7.97 31.38 -4.71
N GLN B 41 -8.86 30.75 -3.97
CA GLN B 41 -10.08 31.43 -3.44
C GLN B 41 -9.65 32.50 -2.44
N GLN B 42 -8.77 32.17 -1.49
CA GLN B 42 -8.23 33.13 -0.50
C GLN B 42 -7.66 34.34 -1.27
N TYR B 43 -6.94 34.09 -2.37
CA TYR B 43 -6.33 35.14 -3.21
C TYR B 43 -7.44 35.99 -3.82
N ASN B 44 -8.44 35.35 -4.44
CA ASN B 44 -9.60 36.04 -5.07
C ASN B 44 -10.30 36.92 -4.04
N ALA B 45 -10.48 36.43 -2.81
CA ALA B 45 -11.13 37.18 -1.71
C ALA B 45 -10.31 38.43 -1.37
N GLN B 46 -9.00 38.30 -1.22
CA GLN B 46 -8.08 39.42 -0.86
C GLN B 46 -7.88 40.39 -2.06
N ALA B 47 -7.84 39.88 -3.28
CA ALA B 47 -7.40 40.59 -4.52
C ALA B 47 -8.12 41.93 -4.63
N GLY B 48 -9.39 42.01 -4.21
CA GLY B 48 -10.20 43.24 -4.28
C GLY B 48 -9.49 44.46 -3.72
N ARG B 49 -8.79 44.30 -2.59
CA ARG B 49 -8.20 45.42 -1.82
C ARG B 49 -6.73 45.64 -2.18
N LEU B 50 -6.14 44.83 -3.05
CA LEU B 50 -4.68 44.84 -3.37
C LEU B 50 -4.47 45.44 -4.77
N ASP B 51 -3.39 46.20 -4.95
CA ASP B 51 -2.93 46.64 -6.29
C ASP B 51 -2.15 45.50 -6.95
N LEU B 52 -1.84 45.63 -8.24
CA LEU B 52 -1.22 44.59 -9.08
C LEU B 52 0.05 44.05 -8.40
N ARG B 53 0.94 44.91 -7.91
CA ARG B 53 2.24 44.48 -7.30
C ARG B 53 1.94 43.66 -6.05
N GLN B 54 0.91 44.04 -5.28
CA GLN B 54 0.52 43.37 -4.01
C GLN B 54 -0.17 42.03 -4.31
N LYS B 55 -1.02 42.02 -5.35
CA LYS B 55 -1.67 40.80 -5.88
C LYS B 55 -0.61 39.75 -6.26
N ALA B 56 0.40 40.17 -7.00
CA ALA B 56 1.48 39.32 -7.55
C ALA B 56 2.32 38.76 -6.40
N GLU B 57 2.70 39.60 -5.42
CA GLU B 57 3.45 39.20 -4.20
C GLU B 57 2.68 38.10 -3.45
N TYR B 58 1.37 38.27 -3.23
CA TYR B 58 0.54 37.29 -2.47
C TYR B 58 0.43 35.98 -3.29
N LEU B 59 0.04 36.08 -4.56
CA LEU B 59 -0.18 34.89 -5.42
C LEU B 59 1.16 34.15 -5.62
N LYS B 60 2.25 34.89 -5.69
CA LYS B 60 3.61 34.30 -5.87
C LYS B 60 3.95 33.39 -4.67
N GLY B 61 3.68 33.85 -3.44
CA GLY B 61 3.97 33.09 -2.22
C GLY B 61 3.10 31.84 -2.13
N LEU B 62 1.86 31.93 -2.61
CA LEU B 62 0.91 30.79 -2.63
C LEU B 62 1.39 29.77 -3.66
N ASN B 63 1.82 30.22 -4.85
CA ASN B 63 2.40 29.36 -5.90
C ASN B 63 3.70 28.74 -5.38
N ASP B 64 4.59 29.56 -4.78
CA ASP B 64 5.89 29.14 -4.22
C ASP B 64 5.64 27.98 -3.25
N TRP B 65 4.59 28.09 -2.45
CA TRP B 65 4.23 27.07 -1.43
C TRP B 65 3.84 25.77 -2.13
N ALA B 66 2.92 25.82 -3.08
CA ALA B 66 2.42 24.63 -3.83
C ALA B 66 3.59 23.92 -4.51
N GLU B 67 4.40 24.65 -5.27
CA GLU B 67 5.54 24.11 -6.07
C GLU B 67 6.58 23.45 -5.15
N ARG B 68 6.91 24.06 -4.01
CA ARG B 68 7.87 23.50 -3.02
C ARG B 68 7.35 22.13 -2.56
N LEU B 69 6.07 22.00 -2.22
CA LEU B 69 5.46 20.72 -1.76
C LEU B 69 5.42 19.72 -2.92
N LEU B 70 4.96 20.14 -4.08
CA LEU B 70 4.86 19.28 -5.29
C LEU B 70 6.22 18.66 -5.58
N GLN B 71 7.28 19.48 -5.56
CA GLN B 71 8.65 19.06 -5.95
C GLN B 71 9.23 18.13 -4.88
N GLU B 72 8.74 18.20 -3.63
CA GLU B 72 9.08 17.24 -2.55
C GLU B 72 8.36 15.91 -2.82
N LEU B 73 7.12 15.94 -3.31
CA LEU B 73 6.34 14.71 -3.57
C LEU B 73 6.83 14.01 -4.84
N ASN B 74 7.13 14.75 -5.92
CA ASN B 74 7.42 14.15 -7.25
C ASN B 74 8.93 13.96 -7.42
N GLY B 75 9.73 14.37 -6.44
CA GLY B 75 11.21 14.23 -6.45
C GLY B 75 11.93 15.20 -7.40
N GLU B 76 11.29 16.28 -7.84
CA GLU B 76 11.93 17.30 -8.71
C GLU B 76 12.93 18.12 -7.88
N ASP B 77 12.65 18.34 -6.58
CA ASP B 77 13.59 18.98 -5.62
C ASP B 77 14.93 18.22 -5.65
N VAL B 78 14.86 16.88 -5.60
CA VAL B 78 16.02 15.96 -5.51
C VAL B 78 16.73 15.93 -6.88
N LYS B 79 15.99 16.03 -7.99
CA LYS B 79 16.58 16.04 -9.35
C LYS B 79 17.45 17.29 -9.51
N LYS B 80 17.01 18.41 -8.93
CA LYS B 80 17.73 19.70 -8.98
C LYS B 80 19.04 19.55 -8.19
N VAL B 81 18.98 18.89 -7.03
CA VAL B 81 20.16 18.61 -6.17
C VAL B 81 21.11 17.68 -6.92
N LEU B 82 20.59 16.56 -7.44
CA LEU B 82 21.36 15.58 -8.27
C LEU B 82 22.16 16.30 -9.36
N GLY B 83 21.55 17.30 -10.01
CA GLY B 83 22.22 18.09 -11.06
C GLY B 83 23.44 18.81 -10.54
N LYS B 84 23.28 19.54 -9.44
CA LYS B 84 24.38 20.31 -8.79
C LYS B 84 25.52 19.35 -8.40
N VAL B 85 25.17 18.19 -7.83
CA VAL B 85 26.14 17.19 -7.28
C VAL B 85 26.87 16.51 -8.44
N ALA B 86 26.16 16.16 -9.52
CA ALA B 86 26.72 15.51 -10.72
C ALA B 86 27.76 16.45 -11.36
N PHE B 87 27.43 17.73 -11.46
CA PHE B 87 28.31 18.79 -11.99
C PHE B 87 29.57 18.91 -11.12
N GLU B 88 29.40 18.92 -9.80
CA GLU B 88 30.51 19.01 -8.82
C GLU B 88 31.40 17.76 -8.97
N LYS B 89 30.80 16.60 -9.26
CA LYS B 89 31.51 15.30 -9.41
C LYS B 89 32.38 15.31 -10.66
N ASP B 90 31.94 15.92 -11.78
CA ASP B 90 32.66 15.90 -13.08
C ASP B 90 33.89 16.85 -13.05
N ASP B 91 33.90 17.80 -12.10
CA ASP B 91 35.04 18.73 -11.88
C ASP B 91 36.05 18.07 -10.91
N LEU B 92 35.55 17.40 -9.86
CA LEU B 92 36.37 16.64 -8.89
C LEU B 92 37.09 15.49 -9.62
N GLU B 93 36.49 14.93 -10.67
CA GLU B 93 37.09 13.83 -11.48
C GLU B 93 38.27 14.41 -12.27
N LYS B 94 38.12 15.65 -12.76
CA LYS B 94 39.17 16.38 -13.50
C LYS B 94 40.31 16.73 -12.53
N GLU B 95 40.01 16.96 -11.25
CA GLU B 95 41.01 17.27 -10.20
C GLU B 95 41.84 16.01 -9.88
N VAL B 96 41.17 14.88 -9.68
CA VAL B 96 41.82 13.58 -9.37
C VAL B 96 42.72 13.17 -10.52
N LYS B 97 42.31 13.31 -11.78
CA LYS B 97 43.11 12.94 -12.97
C LYS B 97 44.46 13.67 -12.92
N GLU B 98 44.45 14.98 -12.66
CA GLU B 98 45.68 15.82 -12.52
C GLU B 98 46.55 15.31 -11.36
N LEU B 99 45.98 15.22 -10.15
CA LEU B 99 46.71 14.80 -8.92
C LEU B 99 47.29 13.39 -9.03
N LYS B 100 46.62 12.49 -9.77
CA LYS B 100 47.08 11.09 -10.02
C LYS B 100 48.29 11.15 -10.97
N GLU B 101 48.25 12.07 -11.95
CA GLU B 101 49.37 12.32 -12.88
C GLU B 101 50.57 12.88 -12.09
N LYS B 102 50.33 13.86 -11.22
CA LYS B 102 51.37 14.54 -10.40
C LYS B 102 51.92 13.56 -9.36
N ILE B 103 51.09 12.66 -8.84
CA ILE B 103 51.52 11.53 -7.96
C ILE B 103 52.39 10.54 -8.77
N ASP B 104 52.06 10.32 -10.04
CA ASP B 104 52.78 9.39 -10.96
C ASP B 104 54.17 9.96 -11.26
N LYS B 105 54.20 11.21 -11.74
CA LYS B 105 55.42 11.97 -12.12
C LYS B 105 56.33 12.20 -10.90
N LYS B 106 55.74 12.45 -9.73
CA LYS B 106 56.46 12.61 -8.43
C LYS B 106 57.12 11.30 -7.99
N GLU B 107 56.85 10.17 -8.65
CA GLU B 107 57.74 8.97 -8.62
C GLU B 107 58.83 9.18 -9.70
N LYS B 108 59.79 10.07 -9.41
CA LYS B 108 60.98 10.40 -10.25
C LYS B 108 61.76 11.53 -9.56
N GLY C 1 -2.31 17.76 -20.52
CA GLY C 1 -3.03 16.42 -20.69
C GLY C 1 -2.32 15.30 -19.94
N PRO C 2 -3.02 14.51 -19.10
CA PRO C 2 -2.36 13.53 -18.25
C PRO C 2 -1.84 12.34 -19.04
N HYP C 3 -0.86 11.58 -18.49
CA HYP C 3 -0.44 10.30 -19.09
C HYP C 3 -1.61 9.32 -19.24
O HYP C 3 -2.58 9.35 -18.47
CB HYP C 3 0.56 9.76 -18.08
CG HYP C 3 1.09 11.00 -17.37
CD HYP C 3 -0.12 11.89 -17.25
OD1 HYP C 3 2.06 11.61 -18.20
N GLY C 4 -1.49 8.46 -20.25
CA GLY C 4 -2.48 7.44 -20.53
C GLY C 4 -2.44 6.31 -19.48
N PRO C 5 -3.43 5.41 -19.48
CA PRO C 5 -3.52 4.39 -18.44
C PRO C 5 -2.38 3.38 -18.58
N HYP C 6 -2.09 2.58 -17.53
CA HYP C 6 -1.09 1.51 -17.63
C HYP C 6 -1.53 0.46 -18.64
O HYP C 6 -2.72 0.25 -18.79
CB HYP C 6 -1.05 0.93 -16.21
CG HYP C 6 -1.59 2.04 -15.32
CD HYP C 6 -2.67 2.67 -16.18
OD1 HYP C 6 -0.55 2.97 -15.02
N GLY C 7 -0.55 -0.17 -19.30
CA GLY C 7 -0.85 -1.06 -20.42
C GLY C 7 -1.50 -2.34 -19.93
N PRO C 8 -2.04 -3.21 -20.81
CA PRO C 8 -2.66 -4.46 -20.37
C PRO C 8 -1.61 -5.47 -19.92
N HYP C 9 -2.02 -6.49 -19.14
CA HYP C 9 -1.09 -7.53 -18.68
C HYP C 9 -0.39 -8.19 -19.87
O HYP C 9 -0.92 -8.20 -20.99
CB HYP C 9 -2.00 -8.54 -17.99
CG HYP C 9 -3.20 -7.71 -17.54
CD HYP C 9 -3.40 -6.73 -18.66
OD1 HYP C 9 -2.88 -7.01 -16.34
N GLY C 10 0.78 -8.74 -19.60
CA GLY C 10 1.53 -9.45 -20.61
C GLY C 10 0.89 -10.79 -20.94
N VAL C 11 1.41 -11.42 -21.98
CA VAL C 11 0.96 -12.73 -22.52
C VAL C 11 1.40 -13.82 -21.56
N HYP C 12 0.65 -14.94 -21.43
CA HYP C 12 1.09 -16.05 -20.58
C HYP C 12 2.45 -16.58 -21.06
O HYP C 12 2.79 -16.44 -22.22
CB HYP C 12 -0.01 -17.08 -20.79
CG HYP C 12 -1.22 -16.26 -21.19
CD HYP C 12 -0.66 -15.20 -22.07
OD1 HYP C 12 -1.75 -15.65 -20.05
N GLY C 13 3.22 -17.18 -20.16
CA GLY C 13 4.48 -17.81 -20.54
C GLY C 13 4.27 -19.03 -21.42
N GLU C 14 5.33 -19.56 -22.02
CA GLU C 14 5.32 -20.85 -22.77
C GLU C 14 5.06 -21.99 -21.77
N ALA C 15 4.60 -23.14 -22.27
CA ALA C 15 4.44 -24.38 -21.48
C ALA C 15 5.81 -24.81 -20.94
N GLY C 16 5.85 -25.48 -19.79
CA GLY C 16 7.09 -25.96 -19.14
C GLY C 16 7.73 -27.10 -19.93
N PRO C 17 8.89 -27.62 -19.46
CA PRO C 17 9.51 -28.79 -20.08
C PRO C 17 8.71 -30.05 -19.79
N HYP C 18 8.90 -31.14 -20.57
CA HYP C 18 8.24 -32.41 -20.27
C HYP C 18 8.57 -32.86 -18.85
O HYP C 18 9.66 -32.55 -18.34
CB HYP C 18 8.86 -33.37 -21.31
CG HYP C 18 9.23 -32.46 -22.46
CD HYP C 18 9.75 -31.21 -21.78
OD1 HYP C 18 8.06 -32.17 -23.23
N GLY C 19 7.63 -33.57 -18.23
CA GLY C 19 7.86 -34.13 -16.91
C GLY C 19 8.87 -35.28 -16.98
N PRO C 20 9.35 -35.79 -15.82
CA PRO C 20 10.34 -36.87 -15.83
C PRO C 20 9.72 -38.18 -16.32
N HYP C 21 10.54 -39.21 -16.65
CA HYP C 21 10.03 -40.57 -16.84
C HYP C 21 9.34 -41.04 -15.56
O HYP C 21 9.71 -40.64 -14.46
CB HYP C 21 11.30 -41.38 -17.11
CG HYP C 21 12.30 -40.37 -17.64
CD HYP C 21 12.00 -39.11 -16.84
OD1 HYP C 21 12.11 -40.14 -19.04
N GLY C 22 8.31 -41.88 -15.73
CA GLY C 22 7.56 -42.36 -14.59
C GLY C 22 8.38 -43.32 -13.75
N PRO C 23 7.87 -43.74 -12.58
CA PRO C 23 8.63 -44.60 -11.67
C PRO C 23 8.78 -46.03 -12.20
N HYP C 24 9.74 -46.82 -11.69
CA HYP C 24 9.92 -48.22 -12.13
C HYP C 24 8.71 -49.13 -11.85
O HYP C 24 8.15 -49.02 -10.76
CB HYP C 24 11.11 -48.71 -11.28
CG HYP C 24 11.83 -47.43 -10.86
CD HYP C 24 10.70 -46.45 -10.63
OD1 HYP C 24 12.66 -47.03 -11.93
N GLY D 1 -1.34 14.17 -23.91
CA GLY D 1 -1.55 12.75 -23.56
C GLY D 1 -0.39 11.87 -23.99
N PRO D 2 0.74 11.83 -23.25
CA PRO D 2 1.79 10.84 -23.51
C PRO D 2 1.36 9.43 -23.13
N HYP D 3 1.97 8.38 -23.73
CA HYP D 3 1.57 7.00 -23.46
C HYP D 3 1.75 6.61 -21.99
O HYP D 3 2.61 7.15 -21.29
CB HYP D 3 2.54 6.18 -24.33
CG HYP D 3 2.89 7.13 -25.46
CD HYP D 3 3.03 8.47 -24.76
OD1 HYP D 3 1.82 7.14 -26.40
N GLY D 4 0.90 5.68 -21.53
CA GLY D 4 0.99 5.17 -20.18
C GLY D 4 2.18 4.21 -20.02
N PRO D 5 2.51 3.79 -18.79
CA PRO D 5 3.60 2.84 -18.58
C PRO D 5 3.27 1.47 -19.16
N HYP D 6 4.27 0.59 -19.35
CA HYP D 6 4.02 -0.79 -19.79
C HYP D 6 3.25 -1.56 -18.73
O HYP D 6 3.37 -1.28 -17.55
CB HYP D 6 5.42 -1.38 -19.97
CG HYP D 6 6.37 -0.18 -20.05
CD HYP D 6 5.71 0.86 -19.18
OD1 HYP D 6 6.41 0.31 -21.38
N GLY D 7 2.45 -2.54 -19.15
CA GLY D 7 1.59 -3.30 -18.25
C GLY D 7 2.39 -4.20 -17.31
N PRO D 8 1.76 -4.87 -16.34
CA PRO D 8 2.44 -5.87 -15.49
C PRO D 8 2.76 -7.15 -16.25
N HYP D 9 3.68 -7.99 -15.72
CA HYP D 9 4.01 -9.27 -16.34
C HYP D 9 2.77 -10.14 -16.52
O HYP D 9 1.79 -10.02 -15.80
CB HYP D 9 4.97 -9.92 -15.33
CG HYP D 9 5.56 -8.77 -14.57
CD HYP D 9 4.43 -7.78 -14.46
OD1 HYP D 9 6.62 -8.23 -15.36
N GLY D 10 2.85 -11.04 -17.49
CA GLY D 10 1.81 -12.03 -17.68
C GLY D 10 1.84 -13.12 -16.63
N VAL D 11 0.85 -13.98 -16.69
CA VAL D 11 0.65 -15.17 -15.81
C VAL D 11 1.68 -16.23 -16.19
N HYP D 12 2.18 -17.05 -15.23
CA HYP D 12 3.07 -18.16 -15.57
C HYP D 12 2.43 -19.11 -16.58
O HYP D 12 1.21 -19.22 -16.63
CB HYP D 12 3.26 -18.87 -14.21
CG HYP D 12 3.05 -17.75 -13.22
CD HYP D 12 1.90 -16.98 -13.79
OD1 HYP D 12 4.19 -16.90 -13.20
N GLY D 13 3.27 -19.76 -17.40
CA GLY D 13 2.78 -20.71 -18.38
C GLY D 13 2.23 -21.96 -17.72
N GLU D 14 1.55 -22.80 -18.50
CA GLU D 14 1.03 -24.12 -18.03
C GLU D 14 2.22 -25.05 -17.79
N ALA D 15 2.02 -26.07 -16.96
CA ALA D 15 3.00 -27.16 -16.71
C ALA D 15 3.24 -27.89 -18.04
N GLY D 16 4.43 -28.47 -18.22
CA GLY D 16 4.80 -29.29 -19.39
C GLY D 16 4.01 -30.60 -19.43
N PRO D 17 4.11 -31.36 -20.54
CA PRO D 17 3.39 -32.62 -20.67
C PRO D 17 4.01 -33.70 -19.79
N HYP D 18 3.29 -34.81 -19.53
CA HYP D 18 3.89 -35.95 -18.83
C HYP D 18 5.15 -36.44 -19.54
O HYP D 18 5.27 -36.31 -20.76
CB HYP D 18 2.78 -37.01 -18.87
CG HYP D 18 1.50 -36.20 -19.01
CD HYP D 18 1.89 -35.06 -19.91
OD1 HYP D 18 1.13 -35.74 -17.72
N GLY D 19 6.09 -36.99 -18.79
CA GLY D 19 7.27 -37.62 -19.37
C GLY D 19 6.93 -38.94 -20.06
N PRO D 20 7.94 -39.68 -20.56
CA PRO D 20 7.70 -40.99 -21.16
C PRO D 20 7.30 -42.04 -20.13
N HYP D 21 6.79 -43.22 -20.55
CA HYP D 21 6.50 -44.31 -19.62
C HYP D 21 7.76 -44.74 -18.87
O HYP D 21 8.86 -44.69 -19.42
CB HYP D 21 6.00 -45.44 -20.52
CG HYP D 21 5.53 -44.75 -21.79
CD HYP D 21 6.48 -43.59 -21.94
OD1 HYP D 21 4.19 -44.30 -21.63
N GLY D 22 7.57 -45.14 -17.61
CA GLY D 22 8.70 -45.39 -16.74
C GLY D 22 9.42 -46.68 -17.13
N PRO D 23 10.61 -46.96 -16.55
CA PRO D 23 11.35 -48.18 -16.86
C PRO D 23 10.69 -49.42 -16.25
N HYP D 24 11.05 -50.65 -16.70
CA HYP D 24 10.53 -51.89 -16.11
C HYP D 24 10.89 -52.07 -14.63
O HYP D 24 12.03 -51.82 -14.27
CB HYP D 24 11.24 -52.98 -16.92
CG HYP D 24 11.64 -52.30 -18.23
CD HYP D 24 12.01 -50.91 -17.79
OD1 HYP D 24 10.53 -52.24 -19.10
N GLY E 1 -4.01 10.66 -22.80
CA GLY E 1 -2.95 9.80 -23.33
C GLY E 1 -3.47 8.40 -23.68
N PRO E 2 -2.96 7.75 -24.75
CA PRO E 2 -3.34 6.38 -25.07
C PRO E 2 -2.80 5.39 -24.05
N HYP E 3 -3.40 4.17 -23.95
CA HYP E 3 -2.84 3.10 -23.11
C HYP E 3 -1.39 2.76 -23.45
O HYP E 3 -0.96 2.89 -24.59
CB HYP E 3 -3.75 1.90 -23.44
CG HYP E 3 -5.05 2.54 -23.87
CD HYP E 3 -4.61 3.75 -24.67
OD1 HYP E 3 -5.75 2.95 -22.71
N GLY E 4 -0.66 2.31 -22.42
CA GLY E 4 0.71 1.89 -22.57
C GLY E 4 0.79 0.54 -23.27
N PRO E 5 2.01 0.09 -23.66
CA PRO E 5 2.18 -1.21 -24.28
C PRO E 5 1.86 -2.34 -23.30
N HYP E 6 1.64 -3.58 -23.80
CA HYP E 6 1.41 -4.71 -22.91
C HYP E 6 2.65 -5.01 -22.08
O HYP E 6 3.76 -4.74 -22.53
CB HYP E 6 1.14 -5.87 -23.89
CG HYP E 6 0.74 -5.20 -25.19
CD HYP E 6 1.58 -3.94 -25.23
OD1 HYP E 6 -0.65 -4.88 -25.13
N GLY E 7 2.45 -5.56 -20.88
CA GLY E 7 3.56 -5.94 -20.01
C GLY E 7 4.36 -7.11 -20.59
N PRO E 8 5.50 -7.49 -19.98
CA PRO E 8 6.34 -8.56 -20.53
C PRO E 8 5.71 -9.93 -20.36
N HYP E 9 6.13 -10.93 -21.19
CA HYP E 9 5.54 -12.25 -21.12
C HYP E 9 5.70 -12.84 -19.72
O HYP E 9 6.63 -12.47 -18.99
CB HYP E 9 6.37 -13.06 -22.13
CG HYP E 9 6.87 -12.01 -23.11
CD HYP E 9 7.13 -10.79 -22.25
OD1 HYP E 9 5.84 -11.72 -24.04
N GLY E 10 4.79 -13.75 -19.37
CA GLY E 10 4.88 -14.42 -18.08
C GLY E 10 5.99 -15.44 -18.09
N VAL E 11 6.31 -15.99 -16.91
CA VAL E 11 7.41 -16.97 -16.71
C VAL E 11 6.95 -18.31 -17.28
N HYP E 12 7.85 -19.14 -17.87
CA HYP E 12 7.46 -20.47 -18.33
C HYP E 12 6.91 -21.30 -17.18
O HYP E 12 7.28 -21.06 -16.03
CB HYP E 12 8.79 -21.04 -18.85
CG HYP E 12 9.52 -19.80 -19.31
CD HYP E 12 9.25 -18.82 -18.18
OD1 HYP E 12 8.94 -19.32 -20.53
N GLY E 13 6.04 -22.25 -17.51
CA GLY E 13 5.46 -23.12 -16.50
C GLY E 13 6.52 -24.07 -15.93
N GLU E 14 6.16 -24.75 -14.84
CA GLU E 14 7.01 -25.78 -14.20
C GLU E 14 7.09 -26.98 -15.14
N ALA E 15 8.07 -27.86 -14.91
CA ALA E 15 8.20 -29.18 -15.55
C ALA E 15 6.93 -30.02 -15.30
N GLY E 16 6.59 -30.89 -16.26
CA GLY E 16 5.36 -31.72 -16.22
C GLY E 16 5.42 -32.75 -15.10
N PRO E 17 4.30 -33.46 -14.83
CA PRO E 17 4.30 -34.51 -13.82
C PRO E 17 5.06 -35.73 -14.34
N HYP E 18 5.46 -36.68 -13.45
CA HYP E 18 6.08 -37.92 -13.91
C HYP E 18 5.14 -38.65 -14.88
O HYP E 18 3.92 -38.52 -14.78
CB HYP E 18 6.26 -38.72 -12.62
CG HYP E 18 6.34 -37.65 -11.54
CD HYP E 18 5.35 -36.59 -11.99
OD1 HYP E 18 7.64 -37.09 -11.49
N GLY E 19 5.72 -39.40 -15.82
CA GLY E 19 4.93 -40.22 -16.72
C GLY E 19 4.33 -41.42 -15.99
N PRO E 20 3.58 -42.29 -16.69
CA PRO E 20 2.95 -43.43 -16.03
C PRO E 20 3.96 -44.49 -15.59
N HYP E 21 3.62 -45.38 -14.64
CA HYP E 21 4.59 -46.33 -14.11
C HYP E 21 5.07 -47.25 -15.22
O HYP E 21 4.32 -47.61 -16.11
CB HYP E 21 3.82 -47.11 -13.05
CG HYP E 21 2.62 -46.23 -12.68
CD HYP E 21 2.31 -45.48 -13.97
OD1 HYP E 21 3.02 -45.33 -11.66
N GLY E 22 6.34 -47.67 -15.16
CA GLY E 22 6.76 -48.84 -15.93
C GLY E 22 6.07 -50.08 -15.40
N PRO E 23 6.17 -51.24 -16.09
CA PRO E 23 5.70 -52.50 -15.51
C PRO E 23 6.63 -52.95 -14.37
N HYP E 24 6.12 -53.69 -13.37
CA HYP E 24 6.97 -54.28 -12.32
C HYP E 24 7.95 -55.32 -12.91
O HYP E 24 7.52 -56.11 -13.73
CB HYP E 24 5.97 -54.96 -11.39
CG HYP E 24 4.67 -54.21 -11.64
CD HYP E 24 4.69 -53.94 -13.12
OD1 HYP E 24 4.69 -52.98 -10.92
N ALA F 2 1.16 -54.09 18.05
CA ALA F 2 1.69 -52.71 18.36
C ALA F 2 0.73 -51.62 17.84
N MET F 3 1.05 -50.36 18.12
CA MET F 3 0.32 -49.14 17.63
C MET F 3 1.31 -47.96 17.56
N ASP F 4 0.82 -46.76 17.20
CA ASP F 4 1.66 -45.52 17.03
C ASP F 4 0.77 -44.28 16.84
N ALA F 5 0.90 -43.29 17.72
CA ALA F 5 0.20 -41.98 17.67
C ALA F 5 0.53 -41.14 18.93
N ARG F 6 1.75 -40.59 18.96
CA ARG F 6 2.16 -39.52 19.92
C ARG F 6 1.32 -38.26 19.68
N SER F 7 0.87 -38.06 18.42
CA SER F 7 0.10 -36.92 17.87
C SER F 7 -1.42 -37.03 18.11
N VAL F 8 -1.91 -38.13 18.70
CA VAL F 8 -3.35 -38.41 18.94
C VAL F 8 -4.10 -38.29 17.60
N ASN F 9 -3.60 -38.98 16.57
CA ASN F 9 -4.17 -39.04 15.20
C ASN F 9 -4.27 -37.62 14.65
N GLY F 10 -3.24 -36.79 14.89
CA GLY F 10 -3.11 -35.43 14.33
C GLY F 10 -3.78 -34.36 15.17
N GLU F 11 -4.51 -34.75 16.22
CA GLU F 11 -5.40 -33.82 16.97
C GLU F 11 -4.59 -33.00 18.01
N PHE F 12 -3.45 -33.49 18.51
CA PHE F 12 -2.57 -32.71 19.43
C PHE F 12 -1.87 -31.57 18.69
N PRO F 13 -1.16 -31.80 17.56
CA PRO F 13 -0.60 -30.68 16.79
C PRO F 13 -1.66 -29.67 16.31
N ARG F 14 -2.89 -30.16 16.05
CA ARG F 14 -4.05 -29.30 15.68
C ARG F 14 -4.38 -28.39 16.87
N HIS F 15 -4.42 -28.94 18.09
CA HIS F 15 -4.66 -28.18 19.34
C HIS F 15 -3.62 -27.05 19.45
N VAL F 16 -2.35 -27.37 19.23
CA VAL F 16 -1.20 -26.42 19.39
C VAL F 16 -1.31 -25.35 18.31
N LYS F 17 -1.62 -25.73 17.07
CA LYS F 17 -1.86 -24.78 15.96
C LYS F 17 -2.90 -23.74 16.42
N LEU F 18 -4.03 -24.21 16.96
CA LEU F 18 -5.18 -23.33 17.34
C LEU F 18 -4.75 -22.42 18.50
N LYS F 19 -4.05 -22.96 19.51
CA LYS F 19 -3.51 -22.17 20.65
C LYS F 19 -2.61 -21.05 20.09
N ASN F 20 -1.74 -21.39 19.14
CA ASN F 20 -0.80 -20.47 18.47
C ASN F 20 -1.59 -19.36 17.79
N GLU F 21 -2.57 -19.74 16.95
CA GLU F 21 -3.39 -18.78 16.16
C GLU F 21 -4.13 -17.85 17.13
N ILE F 22 -4.68 -18.38 18.24
CA ILE F 22 -5.47 -17.61 19.24
C ILE F 22 -4.54 -16.63 19.96
N GLU F 23 -3.38 -17.10 20.41
CA GLU F 23 -2.34 -16.28 21.10
C GLU F 23 -1.96 -15.09 20.21
N ASN F 24 -1.69 -15.35 18.93
CA ASN F 24 -1.16 -14.34 18.00
C ASN F 24 -2.24 -13.27 17.73
N LEU F 25 -3.51 -13.70 17.61
CA LEU F 25 -4.63 -12.75 17.43
C LEU F 25 -4.82 -11.94 18.71
N LEU F 26 -4.77 -12.58 19.87
CA LEU F 26 -4.86 -11.89 21.19
C LEU F 26 -3.75 -10.83 21.29
N ASP F 27 -2.54 -11.17 20.84
CA ASP F 27 -1.37 -10.24 20.85
C ASP F 27 -1.70 -9.02 19.96
N GLN F 28 -2.15 -9.26 18.72
CA GLN F 28 -2.49 -8.21 17.74
C GLN F 28 -3.60 -7.30 18.26
N VAL F 29 -4.63 -7.86 18.90
CA VAL F 29 -5.81 -7.08 19.38
C VAL F 29 -5.38 -6.27 20.60
N THR F 30 -4.55 -6.83 21.48
CA THR F 30 -4.00 -6.12 22.66
C THR F 30 -3.21 -4.89 22.20
N GLN F 31 -2.29 -5.08 21.25
CA GLN F 31 -1.43 -4.00 20.71
C GLN F 31 -2.32 -2.93 20.09
N LEU F 32 -3.31 -3.31 19.29
CA LEU F 32 -4.31 -2.38 18.70
C LEU F 32 -4.94 -1.55 19.82
N TYR F 33 -5.41 -2.21 20.89
CA TYR F 33 -6.11 -1.56 22.02
C TYR F 33 -5.19 -0.49 22.64
N THR F 34 -3.93 -0.84 22.92
CA THR F 34 -2.94 0.04 23.58
C THR F 34 -2.61 1.21 22.65
N LYS F 35 -2.41 0.95 21.35
CA LYS F 35 -2.05 1.99 20.36
C LYS F 35 -3.23 2.97 20.21
N HIS F 36 -4.47 2.47 20.16
CA HIS F 36 -5.70 3.30 20.04
C HIS F 36 -5.79 4.27 21.22
N ASN F 37 -5.56 3.81 22.45
CA ASN F 37 -5.61 4.63 23.69
C ASN F 37 -4.44 5.62 23.71
N SER F 38 -3.23 5.21 23.31
CA SER F 38 -2.05 6.10 23.25
C SER F 38 -2.27 7.15 22.16
N ASN F 39 -2.94 6.79 21.06
CA ASN F 39 -3.32 7.74 19.98
C ASN F 39 -4.17 8.88 20.56
N TYR F 40 -5.10 8.59 21.47
CA TYR F 40 -5.99 9.64 22.06
C TYR F 40 -5.16 10.61 22.92
N GLN F 41 -4.14 10.12 23.60
CA GLN F 41 -3.23 10.99 24.40
C GLN F 41 -2.48 11.92 23.44
N GLN F 42 -1.90 11.38 22.36
CA GLN F 42 -1.21 12.17 21.31
C GLN F 42 -2.17 13.26 20.82
N TYR F 43 -3.44 12.92 20.61
CA TYR F 43 -4.48 13.87 20.12
C TYR F 43 -4.68 14.97 21.17
N ASN F 44 -4.87 14.59 22.44
CA ASN F 44 -5.04 15.52 23.57
C ASN F 44 -3.85 16.48 23.65
N ALA F 45 -2.63 15.98 23.46
CA ALA F 45 -1.38 16.78 23.50
C ALA F 45 -1.40 17.80 22.36
N GLN F 46 -1.76 17.37 21.14
CA GLN F 46 -1.78 18.22 19.92
C GLN F 46 -2.95 19.20 19.93
N ALA F 47 -4.11 18.81 20.49
CA ALA F 47 -5.40 19.54 20.39
C ALA F 47 -5.21 21.03 20.69
N GLY F 48 -4.34 21.36 21.64
CA GLY F 48 -4.04 22.75 22.07
C GLY F 48 -3.71 23.67 20.90
N ARG F 49 -2.95 23.20 19.91
CA ARG F 49 -2.41 24.04 18.81
C ARG F 49 -3.29 23.94 17.55
N LEU F 50 -4.34 23.11 17.57
CA LEU F 50 -5.16 22.78 16.36
C LEU F 50 -6.52 23.49 16.48
N ASP F 51 -7.02 24.04 15.38
CA ASP F 51 -8.41 24.54 15.25
C ASP F 51 -9.33 23.34 15.03
N LEU F 52 -10.65 23.57 15.11
CA LEU F 52 -11.68 22.49 15.09
C LEU F 52 -11.50 21.61 13.86
N ARG F 53 -11.34 22.22 12.68
CA ARG F 53 -11.22 21.48 11.38
C ARG F 53 -9.97 20.60 11.43
N GLN F 54 -8.88 21.10 12.03
CA GLN F 54 -7.58 20.38 12.12
C GLN F 54 -7.68 19.27 13.18
N LYS F 55 -8.34 19.54 14.31
CA LYS F 55 -8.61 18.53 15.38
C LYS F 55 -9.36 17.32 14.78
N ALA F 56 -10.41 17.59 14.00
CA ALA F 56 -11.27 16.58 13.37
C ALA F 56 -10.49 15.77 12.33
N GLU F 57 -9.71 16.44 11.48
CA GLU F 57 -8.84 15.82 10.44
C GLU F 57 -7.84 14.87 11.13
N TYR F 58 -7.18 15.29 12.22
CA TYR F 58 -6.15 14.47 12.92
C TYR F 58 -6.86 13.28 13.59
N LEU F 59 -7.92 13.52 14.36
CA LEU F 59 -8.62 12.43 15.10
C LEU F 59 -9.22 11.44 14.10
N LYS F 60 -9.68 11.92 12.95
CA LYS F 60 -10.29 11.08 11.90
C LYS F 60 -9.24 10.10 11.35
N GLY F 61 -8.01 10.57 11.09
CA GLY F 61 -6.92 9.73 10.59
C GLY F 61 -6.48 8.69 11.62
N LEU F 62 -6.54 9.05 12.91
CA LEU F 62 -6.20 8.12 14.03
C LEU F 62 -7.30 7.06 14.11
N ASN F 63 -8.57 7.45 14.02
CA ASN F 63 -9.73 6.53 13.98
C ASN F 63 -9.63 5.65 12.73
N ASP F 64 -9.38 6.25 11.57
CA ASP F 64 -9.24 5.55 10.25
C ASP F 64 -8.21 4.45 10.41
N TRP F 65 -7.11 4.75 11.09
CA TRP F 65 -6.01 3.78 11.32
C TRP F 65 -6.51 2.61 12.15
N ALA F 66 -7.13 2.88 13.30
CA ALA F 66 -7.64 1.84 14.24
C ALA F 66 -8.64 0.93 13.52
N GLU F 67 -9.63 1.52 12.86
CA GLU F 67 -10.75 0.80 12.19
C GLU F 67 -10.22 -0.08 11.06
N ARG F 68 -9.28 0.42 10.26
CA ARG F 68 -8.64 -0.36 9.16
C ARG F 68 -8.02 -1.63 9.75
N LEU F 69 -7.25 -1.52 10.83
CA LEU F 69 -6.59 -2.68 11.49
C LEU F 69 -7.64 -3.61 12.11
N LEU F 70 -8.60 -3.04 12.85
CA LEU F 70 -9.67 -3.81 13.53
C LEU F 70 -10.39 -4.67 12.48
N GLN F 71 -10.75 -4.10 11.35
CA GLN F 71 -11.56 -4.79 10.30
C GLN F 71 -10.73 -5.85 9.58
N GLU F 72 -9.40 -5.72 9.59
CA GLU F 72 -8.46 -6.78 9.14
C GLU F 72 -8.44 -7.93 10.15
N LEU F 73 -8.47 -7.62 11.45
CA LEU F 73 -8.42 -8.64 12.53
C LEU F 73 -9.77 -9.38 12.65
N ASN F 74 -10.89 -8.66 12.59
CA ASN F 74 -12.22 -9.25 12.91
C ASN F 74 -12.90 -9.77 11.64
N GLY F 75 -12.26 -9.59 10.47
CA GLY F 75 -12.75 -10.08 9.17
C GLY F 75 -13.91 -9.26 8.61
N GLU F 76 -14.15 -8.03 9.11
CA GLU F 76 -15.21 -7.14 8.57
C GLU F 76 -14.78 -6.60 7.19
N ASP F 77 -13.47 -6.40 6.98
CA ASP F 77 -12.90 -6.03 5.65
C ASP F 77 -13.34 -7.07 4.62
N VAL F 78 -13.25 -8.36 4.95
CA VAL F 78 -13.54 -9.51 4.04
C VAL F 78 -15.07 -9.61 3.84
N LYS F 79 -15.87 -9.31 4.88
CA LYS F 79 -17.34 -9.33 4.79
C LYS F 79 -17.79 -8.26 3.79
N LYS F 80 -17.12 -7.10 3.77
CA LYS F 80 -17.41 -5.98 2.84
C LYS F 80 -17.10 -6.44 1.41
N VAL F 81 -15.99 -7.15 1.21
CA VAL F 81 -15.60 -7.72 -0.12
C VAL F 81 -16.65 -8.75 -0.53
N LEU F 82 -16.96 -9.72 0.34
CA LEU F 82 -17.99 -10.76 0.12
C LEU F 82 -19.30 -10.11 -0.39
N GLY F 83 -19.68 -8.98 0.20
CA GLY F 83 -20.90 -8.23 -0.15
C GLY F 83 -20.85 -7.74 -1.58
N LYS F 84 -19.76 -7.09 -2.00
CA LYS F 84 -19.56 -6.58 -3.38
C LYS F 84 -19.69 -7.74 -4.38
N VAL F 85 -19.04 -8.86 -4.08
CA VAL F 85 -18.94 -10.05 -4.99
C VAL F 85 -20.31 -10.74 -5.07
N ALA F 86 -21.01 -10.88 -3.94
CA ALA F 86 -22.35 -11.50 -3.85
C ALA F 86 -23.33 -10.68 -4.68
N PHE F 87 -23.26 -9.35 -4.57
CA PHE F 87 -24.11 -8.39 -5.33
C PHE F 87 -23.85 -8.56 -6.83
N GLU F 88 -22.57 -8.67 -7.22
CA GLU F 88 -22.18 -8.87 -8.65
C GLU F 88 -22.73 -10.21 -9.13
N LYS F 89 -22.75 -11.22 -8.27
CA LYS F 89 -23.25 -12.58 -8.60
C LYS F 89 -24.78 -12.57 -8.75
N ASP F 90 -25.46 -11.87 -7.84
CA ASP F 90 -26.96 -11.79 -7.75
C ASP F 90 -27.47 -10.81 -8.82
N ASP F 91 -26.59 -10.01 -9.43
CA ASP F 91 -26.95 -9.12 -10.58
C ASP F 91 -26.77 -9.91 -11.89
N LEU F 92 -25.71 -10.70 -12.02
CA LEU F 92 -25.51 -11.63 -13.18
C LEU F 92 -26.64 -12.66 -13.24
N GLU F 93 -27.19 -13.08 -12.09
CA GLU F 93 -28.31 -14.05 -12.01
C GLU F 93 -29.59 -13.36 -12.53
N LYS F 94 -29.74 -12.06 -12.23
CA LYS F 94 -30.86 -11.22 -12.69
C LYS F 94 -30.73 -10.98 -14.20
N GLU F 95 -29.50 -10.98 -14.73
CA GLU F 95 -29.21 -10.80 -16.18
C GLU F 95 -29.61 -12.07 -16.94
N VAL F 96 -29.25 -13.24 -16.43
CA VAL F 96 -29.60 -14.56 -17.05
C VAL F 96 -31.13 -14.69 -17.10
N LYS F 97 -31.82 -14.40 -15.98
CA LYS F 97 -33.30 -14.50 -15.86
C LYS F 97 -33.95 -13.66 -16.96
N GLU F 98 -33.51 -12.42 -17.13
CA GLU F 98 -34.00 -11.46 -18.16
C GLU F 98 -33.78 -12.03 -19.56
N LEU F 99 -32.53 -12.38 -19.90
CA LEU F 99 -32.12 -12.85 -21.26
C LEU F 99 -32.87 -14.15 -21.63
N LYS F 100 -33.16 -15.01 -20.66
CA LYS F 100 -33.92 -16.28 -20.86
C LYS F 100 -35.38 -15.93 -21.17
N GLU F 101 -35.91 -14.90 -20.49
CA GLU F 101 -37.28 -14.37 -20.72
C GLU F 101 -37.36 -13.76 -22.12
N LYS F 102 -36.36 -12.94 -22.50
CA LYS F 102 -36.30 -12.23 -23.81
C LYS F 102 -36.09 -13.26 -24.93
N ILE F 103 -35.33 -14.33 -24.67
CA ILE F 103 -35.17 -15.48 -25.59
C ILE F 103 -36.52 -16.22 -25.73
N ASP F 104 -37.29 -16.32 -24.63
CA ASP F 104 -38.61 -17.01 -24.60
C ASP F 104 -39.62 -16.18 -25.41
N LYS F 105 -39.78 -14.90 -25.05
CA LYS F 105 -40.89 -14.03 -25.52
C LYS F 105 -40.62 -13.59 -26.97
N LYS F 106 -39.37 -13.26 -27.31
CA LYS F 106 -39.00 -12.73 -28.67
C LYS F 106 -39.03 -13.87 -29.69
N GLU F 107 -39.18 -15.14 -29.26
CA GLU F 107 -39.10 -16.36 -30.10
C GLU F 107 -40.47 -16.71 -30.69
N ALA G 5 -18.28 19.85 17.11
CA ALA G 5 -17.63 20.86 18.03
C ALA G 5 -17.31 20.24 19.40
N ARG G 6 -18.32 19.92 20.20
CA ARG G 6 -18.17 19.09 21.44
C ARG G 6 -17.75 17.66 21.04
N SER G 7 -18.24 17.19 19.88
CA SER G 7 -18.06 15.81 19.36
C SER G 7 -16.84 15.72 18.41
N VAL G 8 -16.16 16.85 18.14
CA VAL G 8 -15.04 16.95 17.17
C VAL G 8 -15.52 16.46 15.80
N ASN G 9 -16.67 16.97 15.33
CA ASN G 9 -17.31 16.63 14.03
CA ASN G 9 -17.28 16.62 14.03
C ASN G 9 -17.53 15.11 13.97
N GLY G 10 -17.97 14.51 15.08
CA GLY G 10 -18.35 13.08 15.18
C GLY G 10 -17.19 12.17 15.50
N GLU G 11 -15.95 12.69 15.52
CA GLU G 11 -14.71 11.87 15.59
C GLU G 11 -14.40 11.43 17.01
N PHE G 12 -14.83 12.15 18.06
CA PHE G 12 -14.64 11.72 19.48
C PHE G 12 -15.53 10.51 19.79
N PRO G 13 -16.87 10.56 19.55
CA PRO G 13 -17.72 9.38 19.76
C PRO G 13 -17.27 8.17 18.92
N ARG G 14 -16.71 8.45 17.72
CA ARG G 14 -16.17 7.41 16.82
C ARG G 14 -14.98 6.75 17.51
N HIS G 15 -14.08 7.53 18.11
CA HIS G 15 -12.91 7.02 18.87
C HIS G 15 -13.37 6.06 19.97
N VAL G 16 -14.39 6.47 20.73
CA VAL G 16 -14.94 5.69 21.88
C VAL G 16 -15.58 4.40 21.35
N LYS G 17 -16.36 4.51 20.27
CA LYS G 17 -16.96 3.34 19.59
C LYS G 17 -15.86 2.32 19.26
N LEU G 18 -14.77 2.77 18.65
CA LEU G 18 -13.66 1.88 18.18
C LEU G 18 -12.96 1.25 19.40
N LYS G 19 -12.70 2.01 20.46
CA LYS G 19 -12.15 1.47 21.73
C LYS G 19 -13.07 0.35 22.24
N ASN G 20 -14.38 0.59 22.23
CA ASN G 20 -15.43 -0.39 22.66
C ASN G 20 -15.33 -1.64 21.77
N GLU G 21 -15.32 -1.48 20.44
CA GLU G 21 -15.28 -2.61 19.47
C GLU G 21 -13.99 -3.41 19.69
N ILE G 22 -12.87 -2.75 19.95
CA ILE G 22 -11.54 -3.41 20.15
C ILE G 22 -11.56 -4.17 21.48
N GLU G 23 -12.07 -3.56 22.54
CA GLU G 23 -12.25 -4.18 23.89
C GLU G 23 -13.08 -5.46 23.74
N ASN G 24 -14.19 -5.39 23.02
CA ASN G 24 -15.17 -6.51 22.87
C ASN G 24 -14.51 -7.66 22.09
N LEU G 25 -13.70 -7.35 21.07
CA LEU G 25 -12.95 -8.39 20.31
C LEU G 25 -11.87 -8.99 21.21
N LEU G 26 -11.16 -8.16 21.97
CA LEU G 26 -10.14 -8.62 22.95
C LEU G 26 -10.82 -9.56 23.96
N ASP G 27 -12.02 -9.21 24.43
CA ASP G 27 -12.81 -10.03 25.39
C ASP G 27 -13.11 -11.39 24.76
N GLN G 28 -13.66 -11.41 23.53
CA GLN G 28 -14.04 -12.64 22.79
C GLN G 28 -12.81 -13.54 22.58
N VAL G 29 -11.66 -12.96 22.22
CA VAL G 29 -10.43 -13.75 21.92
C VAL G 29 -9.87 -14.30 23.23
N THR G 30 -9.88 -13.51 24.31
CA THR G 30 -9.44 -13.94 25.66
C THR G 30 -10.27 -15.15 26.12
N GLN G 31 -11.60 -15.06 26.05
CA GLN G 31 -12.53 -16.13 26.46
C GLN G 31 -12.24 -17.39 25.65
N LEU G 32 -12.08 -17.25 24.33
CA LEU G 32 -11.73 -18.39 23.44
C LEU G 32 -10.43 -19.04 23.94
N TYR G 33 -9.42 -18.23 24.23
CA TYR G 33 -8.07 -18.68 24.66
C TYR G 33 -8.21 -19.51 25.95
N THR G 34 -8.94 -19.00 26.94
CA THR G 34 -9.13 -19.63 28.27
C THR G 34 -9.93 -20.92 28.10
N LYS G 35 -10.98 -20.93 27.28
CA LYS G 35 -11.84 -22.11 27.08
C LYS G 35 -11.04 -23.20 26.36
N HIS G 36 -10.23 -22.84 25.36
CA HIS G 36 -9.36 -23.78 24.61
C HIS G 36 -8.40 -24.49 25.56
N ASN G 37 -7.76 -23.75 26.47
CA ASN G 37 -6.78 -24.29 27.46
C ASN G 37 -7.52 -25.12 28.51
N SER G 38 -8.69 -24.70 28.98
CA SER G 38 -9.48 -25.47 29.96
C SER G 38 -9.98 -26.77 29.30
N ASN G 39 -10.31 -26.71 28.01
CA ASN G 39 -10.73 -27.91 27.22
C ASN G 39 -9.61 -28.95 27.25
N TYR G 40 -8.36 -28.53 27.11
CA TYR G 40 -7.20 -29.45 27.05
C TYR G 40 -7.00 -30.14 28.40
N GLN G 41 -7.26 -29.45 29.50
CA GLN G 41 -7.19 -30.03 30.86
C GLN G 41 -8.27 -31.09 31.00
N GLN G 42 -9.51 -30.78 30.61
CA GLN G 42 -10.63 -31.76 30.63
C GLN G 42 -10.19 -33.01 29.86
N TYR G 43 -9.55 -32.81 28.69
CA TYR G 43 -9.06 -33.91 27.82
C TYR G 43 -8.02 -34.74 28.58
N ASN G 44 -7.03 -34.07 29.16
CA ASN G 44 -5.93 -34.70 29.95
C ASN G 44 -6.52 -35.53 31.09
N ALA G 45 -7.54 -35.00 31.77
CA ALA G 45 -8.21 -35.68 32.90
C ALA G 45 -8.88 -36.96 32.39
N GLN G 46 -9.61 -36.88 31.27
CA GLN G 46 -10.39 -38.01 30.69
C GLN G 46 -9.46 -39.04 30.02
N ALA G 47 -8.36 -38.58 29.41
CA ALA G 47 -7.48 -39.37 28.51
C ALA G 47 -7.12 -40.70 29.15
N GLY G 48 -6.92 -40.72 30.47
CA GLY G 48 -6.55 -41.93 31.25
C GLY G 48 -7.45 -43.13 30.94
N ARG G 49 -8.76 -42.91 30.81
CA ARG G 49 -9.76 -44.01 30.67
C ARG G 49 -10.12 -44.27 29.20
N LEU G 50 -9.57 -43.51 28.25
CA LEU G 50 -9.92 -43.62 26.82
C LEU G 50 -8.80 -44.33 26.04
N ASP G 51 -9.18 -45.14 25.04
CA ASP G 51 -8.25 -45.69 24.04
C ASP G 51 -7.98 -44.61 22.98
N LEU G 52 -6.99 -44.85 22.11
CA LEU G 52 -6.46 -43.89 21.13
C LEU G 52 -7.61 -43.34 20.28
N ARG G 53 -8.49 -44.20 19.75
CA ARG G 53 -9.59 -43.80 18.84
C ARG G 53 -10.55 -42.88 19.62
N GLN G 54 -10.79 -43.16 20.90
CA GLN G 54 -11.71 -42.39 21.78
C GLN G 54 -11.06 -41.06 22.17
N LYS G 55 -9.76 -41.07 22.47
CA LYS G 55 -8.94 -39.86 22.74
C LYS G 55 -9.04 -38.88 21.56
N ALA G 56 -8.87 -39.39 20.34
CA ALA G 56 -8.84 -38.62 19.07
C ALA G 56 -10.23 -38.05 18.81
N GLU G 57 -11.29 -38.84 18.97
CA GLU G 57 -12.71 -38.40 18.82
C GLU G 57 -13.01 -37.25 19.78
N TYR G 58 -12.61 -37.35 21.05
CA TYR G 58 -12.89 -36.30 22.08
C TYR G 58 -12.08 -35.05 21.75
N LEU G 59 -10.77 -35.18 21.52
CA LEU G 59 -9.87 -34.02 21.25
C LEU G 59 -10.29 -33.34 19.95
N LYS G 60 -10.77 -34.13 18.97
CA LYS G 60 -11.23 -33.61 17.66
C LYS G 60 -12.44 -32.69 17.85
N GLY G 61 -13.40 -33.08 18.68
CA GLY G 61 -14.61 -32.27 18.94
C GLY G 61 -14.27 -30.99 19.68
N LEU G 62 -13.29 -31.05 20.56
CA LEU G 62 -12.82 -29.87 21.33
C LEU G 62 -12.09 -28.92 20.37
N ASN G 63 -11.24 -29.46 19.49
CA ASN G 63 -10.55 -28.68 18.42
C ASN G 63 -11.59 -28.10 17.46
N ASP G 64 -12.53 -28.92 17.00
CA ASP G 64 -13.63 -28.53 16.07
C ASP G 64 -14.32 -27.29 16.66
N TRP G 65 -14.57 -27.33 17.96
CA TRP G 65 -15.27 -26.22 18.66
C TRP G 65 -14.42 -24.95 18.61
N ALA G 66 -13.16 -25.03 19.02
CA ALA G 66 -12.22 -23.88 19.07
C ALA G 66 -12.08 -23.25 17.67
N GLU G 67 -11.79 -24.06 16.66
CA GLU G 67 -11.53 -23.62 15.26
C GLU G 67 -12.78 -22.94 14.68
N ARG G 68 -13.97 -23.51 14.92
CA ARG G 68 -15.25 -22.92 14.43
C ARG G 68 -15.36 -21.50 14.99
N LEU G 69 -15.13 -21.29 16.29
CA LEU G 69 -15.23 -19.96 16.94
C LEU G 69 -14.14 -19.03 16.40
N LEU G 70 -12.90 -19.52 16.35
CA LEU G 70 -11.73 -18.72 15.89
C LEU G 70 -12.02 -18.18 14.49
N GLN G 71 -12.51 -19.04 13.59
CA GLN G 71 -12.72 -18.69 12.16
C GLN G 71 -13.91 -17.73 12.02
N GLU G 72 -14.84 -17.72 12.98
CA GLU G 72 -15.94 -16.72 13.07
C GLU G 72 -15.36 -15.39 13.53
N LEU G 73 -14.40 -15.37 14.46
CA LEU G 73 -13.80 -14.12 15.00
C LEU G 73 -12.84 -13.51 13.98
N ASN G 74 -12.01 -14.31 13.30
CA ASN G 74 -10.90 -13.79 12.46
C ASN G 74 -11.36 -13.67 11.00
N GLY G 75 -12.60 -14.06 10.70
CA GLY G 75 -13.21 -13.97 9.35
C GLY G 75 -12.66 -15.01 8.37
N GLU G 76 -12.02 -16.09 8.81
CA GLU G 76 -11.53 -17.16 7.92
C GLU G 76 -12.72 -17.98 7.38
N ASP G 77 -13.78 -18.14 8.18
CA ASP G 77 -15.05 -18.76 7.75
C ASP G 77 -15.57 -18.05 6.49
N VAL G 78 -15.56 -16.71 6.51
CA VAL G 78 -16.11 -15.83 5.44
C VAL G 78 -15.18 -15.88 4.22
N LYS G 79 -13.86 -15.99 4.43
CA LYS G 79 -12.87 -16.08 3.31
C LYS G 79 -13.14 -17.36 2.52
N LYS G 80 -13.49 -18.45 3.22
CA LYS G 80 -13.79 -19.77 2.61
C LYS G 80 -15.05 -19.62 1.74
N VAL G 81 -16.06 -18.91 2.26
CA VAL G 81 -17.34 -18.63 1.55
C VAL G 81 -17.02 -17.78 0.33
N LEU G 82 -16.31 -16.65 0.51
CA LEU G 82 -15.88 -15.74 -0.58
C LEU G 82 -15.25 -16.54 -1.74
N GLY G 83 -14.44 -17.55 -1.44
CA GLY G 83 -13.81 -18.40 -2.47
C GLY G 83 -14.85 -19.13 -3.31
N LYS G 84 -15.79 -19.81 -2.65
CA LYS G 84 -16.88 -20.58 -3.31
C LYS G 84 -17.70 -19.63 -4.21
N VAL G 85 -18.02 -18.45 -3.70
CA VAL G 85 -18.94 -17.45 -4.35
C VAL G 85 -18.21 -16.82 -5.54
N ALA G 86 -16.92 -16.51 -5.39
CA ALA G 86 -16.08 -15.93 -6.47
C ALA G 86 -16.04 -16.92 -7.66
N PHE G 87 -15.83 -18.19 -7.35
CA PHE G 87 -15.78 -19.29 -8.35
C PHE G 87 -17.14 -19.39 -9.07
N GLU G 88 -18.24 -19.34 -8.31
CA GLU G 88 -19.62 -19.41 -8.86
C GLU G 88 -19.86 -18.19 -9.77
N LYS G 89 -19.28 -17.05 -9.42
CA LYS G 89 -19.43 -15.77 -10.18
C LYS G 89 -18.71 -15.86 -11.53
N ASP G 90 -17.54 -16.50 -11.60
CA ASP G 90 -16.70 -16.58 -12.83
C ASP G 90 -17.30 -17.57 -13.85
N ASP G 91 -18.19 -18.46 -13.39
CA ASP G 91 -18.94 -19.42 -14.27
C ASP G 91 -20.22 -18.73 -14.79
N LEU G 92 -20.92 -18.00 -13.92
CA LEU G 92 -22.13 -17.21 -14.28
C LEU G 92 -21.74 -16.13 -15.30
N GLU G 93 -20.51 -15.58 -15.23
CA GLU G 93 -20.02 -14.53 -16.17
C GLU G 93 -19.81 -15.19 -17.53
N LYS G 94 -19.34 -16.44 -17.55
CA LYS G 94 -19.12 -17.23 -18.78
C LYS G 94 -20.49 -17.58 -19.39
N GLU G 95 -21.52 -17.74 -18.56
CA GLU G 95 -22.91 -18.05 -19.00
C GLU G 95 -23.53 -16.82 -19.68
N VAL G 96 -23.39 -15.64 -19.07
CA VAL G 96 -23.94 -14.35 -19.60
C VAL G 96 -23.29 -14.08 -20.98
N LYS G 97 -21.97 -14.22 -21.07
CA LYS G 97 -21.17 -13.94 -22.31
C LYS G 97 -21.73 -14.79 -23.44
N GLU G 98 -21.95 -16.09 -23.20
CA GLU G 98 -22.50 -17.07 -24.17
C GLU G 98 -23.90 -16.64 -24.61
N LEU G 99 -24.83 -16.45 -23.67
CA LEU G 99 -26.27 -16.15 -23.92
C LEU G 99 -26.41 -14.82 -24.67
N LYS G 100 -25.53 -13.85 -24.42
CA LYS G 100 -25.52 -12.53 -25.11
C LYS G 100 -25.05 -12.73 -26.56
N GLU G 101 -24.09 -13.63 -26.76
CA GLU G 101 -23.57 -14.03 -28.10
C GLU G 101 -24.68 -14.74 -28.88
N LYS G 102 -25.37 -15.69 -28.23
CA LYS G 102 -26.48 -16.51 -28.83
C LYS G 102 -27.68 -15.61 -29.10
N ILE G 103 -27.93 -14.61 -28.25
CA ILE G 103 -28.90 -13.51 -28.53
C ILE G 103 -28.33 -12.61 -29.64
N ASP G 104 -27.52 -13.14 -30.57
CA ASP G 104 -27.13 -12.50 -31.85
C ASP G 104 -27.94 -13.13 -33.01
N LYS G 105 -29.24 -13.38 -32.79
CA LYS G 105 -30.22 -13.85 -33.79
C LYS G 105 -30.98 -12.63 -34.32
N LYS G 106 -30.27 -11.55 -34.68
CA LYS G 106 -30.83 -10.34 -35.36
C LYS G 106 -31.25 -10.75 -36.78
N GLU G 107 -32.55 -11.10 -36.94
CA GLU G 107 -33.13 -11.82 -38.10
C GLU G 107 -32.10 -12.83 -38.61
N GLY H 1 5.18 -17.51 15.63
CA GLY H 1 5.54 -16.17 16.21
C GLY H 1 4.47 -15.12 15.90
N PRO H 2 4.03 -14.31 16.90
CA PRO H 2 3.02 -13.29 16.65
C PRO H 2 3.56 -12.14 15.82
N HYP H 3 2.68 -11.35 15.15
CA HYP H 3 3.09 -10.10 14.50
C HYP H 3 3.75 -9.13 15.50
O HYP H 3 3.42 -9.13 16.68
CB HYP H 3 1.77 -9.53 14.00
CG HYP H 3 0.92 -10.77 13.77
CD HYP H 3 1.24 -11.63 14.98
OD1 HYP H 3 1.30 -11.40 12.56
N GLY H 4 4.66 -8.32 14.97
CA GLY H 4 5.33 -7.30 15.76
C GLY H 4 4.39 -6.14 16.08
N PRO H 5 4.79 -5.20 16.96
CA PRO H 5 3.93 -4.07 17.30
C PRO H 5 3.75 -3.14 16.11
N HYP H 6 2.73 -2.25 16.12
CA HYP H 6 2.56 -1.27 15.05
C HYP H 6 3.75 -0.32 14.99
O HYP H 6 4.36 -0.04 16.04
CB HYP H 6 1.29 -0.50 15.45
CG HYP H 6 0.57 -1.45 16.40
CD HYP H 6 1.69 -2.14 17.15
OD1 HYP H 6 -0.17 -2.39 15.62
N GLY H 7 4.05 0.18 13.79
CA GLY H 7 5.19 1.07 13.61
C GLY H 7 4.94 2.41 14.28
N PRO H 8 5.96 3.31 14.37
CA PRO H 8 5.78 4.60 15.01
C PRO H 8 4.93 5.54 14.17
N HYP H 9 4.36 6.61 14.76
CA HYP H 9 3.59 7.59 14.01
C HYP H 9 4.42 8.15 12.86
O HYP H 9 5.66 8.17 12.90
CB HYP H 9 3.30 8.68 15.04
CG HYP H 9 3.34 7.96 16.36
CD HYP H 9 4.46 6.95 16.19
OD1 HYP H 9 2.12 7.28 16.58
N GLY H 10 3.72 8.65 11.84
CA GLY H 10 4.37 9.30 10.72
C GLY H 10 4.93 10.66 11.10
N VAL H 11 5.63 11.26 10.15
CA VAL H 11 6.34 12.55 10.26
C VAL H 11 5.30 13.67 10.29
N HYP H 12 5.54 14.80 10.99
CA HYP H 12 4.60 15.93 10.93
C HYP H 12 4.45 16.42 9.50
O HYP H 12 5.35 16.25 8.69
CB HYP H 12 5.27 16.97 11.82
CG HYP H 12 6.15 16.14 12.76
CD HYP H 12 6.69 15.06 11.88
OD1 HYP H 12 5.32 15.57 13.75
N GLY H 13 3.31 17.02 9.17
CA GLY H 13 3.11 17.62 7.86
C GLY H 13 4.01 18.83 7.64
N GLU H 14 4.14 19.33 6.41
CA GLU H 14 4.86 20.59 6.10
C GLU H 14 4.04 21.76 6.67
N ALA H 15 4.68 22.92 6.86
CA ALA H 15 4.01 24.18 7.26
C ALA H 15 2.99 24.56 6.18
N GLY H 16 1.92 25.25 6.57
CA GLY H 16 0.87 25.76 5.67
C GLY H 16 1.38 26.88 4.77
N PRO H 17 0.51 27.42 3.89
CA PRO H 17 0.91 28.51 2.99
C PRO H 17 1.05 29.82 3.75
N HYP H 18 1.71 30.84 3.17
CA HYP H 18 1.76 32.16 3.79
C HYP H 18 0.37 32.69 4.08
O HYP H 18 -0.58 32.37 3.37
CB HYP H 18 2.46 33.01 2.72
CG HYP H 18 3.30 32.01 1.94
CD HYP H 18 2.42 30.79 1.88
OD1 HYP H 18 4.49 31.72 2.66
N GLY H 19 0.25 33.49 5.14
CA GLY H 19 -1.01 34.14 5.46
C GLY H 19 -1.30 35.26 4.46
N PRO H 20 -2.50 35.88 4.53
CA PRO H 20 -2.82 37.00 3.64
C PRO H 20 -2.01 38.25 3.96
N HYP H 21 -1.97 39.26 3.07
CA HYP H 21 -1.32 40.52 3.36
C HYP H 21 -1.89 41.23 4.59
O HYP H 21 -1.17 42.04 5.20
CB HYP H 21 -1.55 41.38 2.11
CG HYP H 21 -1.84 40.39 1.01
CD HYP H 21 -2.55 39.26 1.72
OD1 HYP H 21 -0.61 39.93 0.46
N GLY H 22 -3.13 40.96 4.98
CA GLY H 22 -3.63 41.55 6.20
C GLY H 22 -3.96 43.03 6.00
N PRO H 23 -4.35 43.72 7.08
CA PRO H 23 -5.26 44.88 6.96
C PRO H 23 -4.55 46.13 6.46
N HYP H 24 -5.31 47.07 5.84
CA HYP H 24 -4.71 48.23 5.16
C HYP H 24 -3.97 49.19 6.11
O HYP H 24 -4.52 49.50 7.15
CB HYP H 24 -5.92 48.94 4.54
CG HYP H 24 -6.98 47.87 4.44
CD HYP H 24 -6.78 47.06 5.70
OD1 HYP H 24 -6.73 47.07 3.28
N GLY I 1 8.99 -10.99 15.09
CA GLY I 1 8.02 -9.86 14.97
C GLY I 1 8.68 -8.49 15.08
N PRO I 2 9.35 -7.99 14.02
CA PRO I 2 9.90 -6.63 14.05
C PRO I 2 8.80 -5.58 13.97
N HYP I 3 9.05 -4.33 14.44
CA HYP I 3 8.09 -3.24 14.32
C HYP I 3 7.69 -2.97 12.88
O HYP I 3 8.48 -3.19 11.95
CB HYP I 3 8.85 -2.05 14.90
CG HYP I 3 9.82 -2.68 15.88
CD HYP I 3 10.27 -3.91 15.15
OD1 HYP I 3 9.12 -3.04 17.08
N GLY I 4 6.45 -2.49 12.71
CA GLY I 4 5.95 -2.11 11.39
C GLY I 4 6.58 -0.80 10.92
N PRO I 5 6.37 -0.42 9.65
CA PRO I 5 6.93 0.85 9.14
C PRO I 5 6.25 2.04 9.81
N HYP I 6 6.83 3.26 9.74
CA HYP I 6 6.18 4.46 10.26
C HYP I 6 4.90 4.76 9.47
O HYP I 6 4.82 4.45 8.29
CB HYP I 6 7.22 5.56 10.06
CG HYP I 6 8.54 4.83 9.86
CD HYP I 6 8.16 3.54 9.16
OD1 HYP I 6 9.08 4.56 11.14
N GLY I 7 3.91 5.38 10.12
CA GLY I 7 2.68 5.76 9.47
C GLY I 7 2.91 6.89 8.47
N PRO I 8 1.89 7.27 7.66
CA PRO I 8 2.07 8.29 6.63
C PRO I 8 2.22 9.69 7.19
N HYP I 9 2.81 10.63 6.41
CA HYP I 9 2.99 12.00 6.87
C HYP I 9 1.65 12.62 7.26
O HYP I 9 0.59 12.23 6.77
CB HYP I 9 3.56 12.71 5.66
CG HYP I 9 4.23 11.61 4.86
CD HYP I 9 3.31 10.42 5.04
OD1 HYP I 9 5.51 11.36 5.42
N GLY I 10 1.71 13.62 8.13
CA GLY I 10 0.53 14.38 8.49
C GLY I 10 0.08 15.30 7.37
N VAL I 11 -1.07 15.93 7.53
CA VAL I 11 -1.64 16.94 6.60
C VAL I 11 -0.84 18.24 6.76
N HYP I 12 -0.65 19.05 5.69
CA HYP I 12 -0.01 20.35 5.84
C HYP I 12 -0.76 21.23 6.82
O HYP I 12 -1.96 21.06 7.00
CB HYP I 12 -0.10 20.93 4.42
CG HYP I 12 -0.06 19.66 3.56
CD HYP I 12 -0.99 18.75 4.30
OD1 HYP I 12 1.26 19.14 3.55
N GLY I 13 -0.05 22.17 7.45
CA GLY I 13 -0.66 23.07 8.40
C GLY I 13 -1.60 24.05 7.71
N GLU I 14 -2.37 24.79 8.51
CA GLU I 14 -3.26 25.88 8.05
C GLU I 14 -2.40 27.02 7.51
N ALA I 15 -3.00 27.91 6.72
CA ALA I 15 -2.39 29.15 6.22
C ALA I 15 -1.94 30.02 7.41
N GLY I 16 -0.87 30.80 7.21
CA GLY I 16 -0.26 31.62 8.28
C GLY I 16 -1.18 32.78 8.69
N PRO I 17 -0.80 33.52 9.76
CA PRO I 17 -1.62 34.64 10.22
C PRO I 17 -1.51 35.81 9.26
N HYP I 18 -2.45 36.78 9.29
CA HYP I 18 -2.34 37.97 8.45
C HYP I 18 -1.02 38.68 8.72
O HYP I 18 -0.49 38.60 9.83
CB HYP I 18 -3.55 38.82 8.89
CG HYP I 18 -4.54 37.80 9.45
CD HYP I 18 -3.67 36.78 10.14
OD1 HYP I 18 -5.24 37.16 8.40
N GLY I 19 -0.49 39.36 7.71
CA GLY I 19 0.70 40.19 7.91
C GLY I 19 0.37 41.43 8.73
N PRO I 20 1.37 42.25 9.11
CA PRO I 20 1.11 43.42 9.96
C PRO I 20 0.32 44.51 9.22
N HYP I 21 -0.36 45.42 9.95
CA HYP I 21 -1.16 46.45 9.29
C HYP I 21 -0.27 47.33 8.42
O HYP I 21 0.90 47.55 8.71
CB HYP I 21 -1.73 47.26 10.47
CG HYP I 21 -1.67 46.33 11.66
CD HYP I 21 -0.42 45.50 11.42
OD1 HYP I 21 -2.84 45.52 11.68
N GLY I 22 -0.85 47.82 7.31
CA GLY I 22 -0.10 48.67 6.41
C GLY I 22 0.17 50.03 7.04
N PRO I 23 0.98 50.89 6.38
CA PRO I 23 1.26 52.22 6.92
C PRO I 23 0.05 53.15 6.82
N HYP I 24 -0.01 54.24 7.63
CA HYP I 24 -1.14 55.17 7.60
C HYP I 24 -1.30 55.90 6.25
O HYP I 24 -0.29 56.33 5.70
CB HYP I 24 -0.78 56.20 8.68
CG HYP I 24 0.20 55.47 9.58
CD HYP I 24 1.01 54.63 8.63
OD1 HYP I 24 -0.53 54.65 10.48
N PRO J 2 6.37 -11.95 12.04
CA PRO J 2 6.19 -11.04 10.88
C PRO J 2 6.06 -9.58 11.29
N HYP J 3 6.41 -8.62 10.40
CA HYP J 3 6.35 -7.20 10.73
C HYP J 3 4.95 -6.74 11.15
O HYP J 3 3.95 -7.29 10.71
CB HYP J 3 6.76 -6.52 9.42
CG HYP J 3 7.62 -7.56 8.73
CD HYP J 3 6.90 -8.86 9.04
OD1 HYP J 3 8.92 -7.56 9.30
N GLY J 4 4.91 -5.72 12.02
CA GLY J 4 3.65 -5.14 12.45
C GLY J 4 3.04 -4.27 11.36
N PRO J 5 1.78 -3.82 11.51
CA PRO J 5 1.17 -2.90 10.56
C PRO J 5 1.84 -1.54 10.58
N HYP J 6 1.61 -0.67 9.57
CA HYP J 6 2.12 0.70 9.59
C HYP J 6 1.53 1.50 10.73
O HYP J 6 0.40 1.25 11.12
CB HYP J 6 1.69 1.29 8.23
CG HYP J 6 1.38 0.07 7.37
CD HYP J 6 0.84 -0.96 8.34
OD1 HYP J 6 2.58 -0.42 6.78
N GLY J 7 2.29 2.48 11.23
CA GLY J 7 1.84 3.33 12.32
C GLY J 7 0.69 4.23 11.90
N PRO J 8 0.07 4.99 12.84
CA PRO J 8 -0.95 5.99 12.49
C PRO J 8 -0.37 7.22 11.79
N HYP J 9 -1.20 8.04 11.13
CA HYP J 9 -0.75 9.27 10.50
C HYP J 9 -0.04 10.19 11.50
O HYP J 9 -0.28 10.15 12.70
CB HYP J 9 -2.04 9.95 10.03
CG HYP J 9 -3.03 8.82 9.88
CD HYP J 9 -2.67 7.86 11.00
OD1 HYP J 9 -2.80 8.22 8.62
N GLY J 10 0.85 11.03 10.97
CA GLY J 10 1.49 12.07 11.75
C GLY J 10 0.52 13.20 12.10
N VAL J 11 1.02 14.09 12.93
CA VAL J 11 0.37 15.35 13.41
C VAL J 11 0.33 16.34 12.24
N HYP J 12 -0.70 17.22 12.14
CA HYP J 12 -0.70 18.28 11.13
C HYP J 12 0.53 19.17 11.26
O HYP J 12 1.08 19.30 12.35
CB HYP J 12 -1.97 19.07 11.45
CG HYP J 12 -2.86 18.02 12.11
CD HYP J 12 -1.90 17.26 12.98
OD1 HYP J 12 -3.38 17.16 11.11
N GLY J 13 0.96 19.78 10.16
CA GLY J 13 2.10 20.68 10.18
C GLY J 13 1.79 21.97 10.92
N GLU J 14 2.82 22.76 11.19
CA GLU J 14 2.70 24.11 11.79
C GLU J 14 1.98 25.05 10.81
N ALA J 15 1.41 26.14 11.30
CA ALA J 15 0.83 27.23 10.48
C ALA J 15 1.94 27.83 9.61
N GLY J 16 1.57 28.37 8.44
CA GLY J 16 2.50 29.08 7.53
C GLY J 16 3.00 30.40 8.13
N PRO J 17 3.94 31.09 7.47
CA PRO J 17 4.50 32.33 7.99
C PRO J 17 3.50 33.46 7.87
N HYP J 18 3.68 34.59 8.60
CA HYP J 18 2.83 35.76 8.43
C HYP J 18 2.86 36.23 6.98
O HYP J 18 3.85 36.06 6.29
CB HYP J 18 3.45 36.80 9.36
CG HYP J 18 4.15 35.96 10.42
CD HYP J 18 4.72 34.79 9.63
OD1 HYP J 18 3.20 35.52 11.39
N GLY J 19 1.74 36.80 6.50
CA GLY J 19 1.71 37.38 5.18
C GLY J 19 2.51 38.67 5.12
N PRO J 20 2.61 39.32 3.94
CA PRO J 20 3.25 40.63 3.82
C PRO J 20 2.49 41.73 4.55
N HYP J 21 3.09 42.92 4.77
CA HYP J 21 2.36 44.07 5.31
C HYP J 21 1.19 44.45 4.41
O HYP J 21 1.25 44.30 3.19
CB HYP J 21 3.40 45.20 5.32
CG HYP J 21 4.76 44.49 5.30
CD HYP J 21 4.50 43.25 4.46
OD1 HYP J 21 5.13 44.14 6.63
N GLY J 22 0.11 44.94 5.02
CA GLY J 22 -1.06 45.32 4.25
C GLY J 22 -0.80 46.58 3.44
N PRO J 23 -1.74 46.99 2.56
CA PRO J 23 -1.59 48.22 1.80
C PRO J 23 -1.79 49.48 2.66
N HYP J 24 -1.56 50.70 2.13
CA HYP J 24 -1.78 51.93 2.90
C HYP J 24 -3.25 52.36 2.89
O HYP J 24 -3.69 53.12 3.75
CB HYP J 24 -0.91 52.96 2.16
CG HYP J 24 -0.24 52.22 1.00
CD HYP J 24 -1.08 50.99 0.77
OD1 HYP J 24 1.08 51.84 1.38
#